data_4HA1
#
_entry.id   4HA1
#
_cell.length_a   64.600
_cell.length_b   73.350
_cell.length_c   82.640
_cell.angle_alpha   66.55
_cell.angle_beta   73.86
_cell.angle_gamma   71.86
#
_symmetry.space_group_name_H-M   'P 1'
#
loop_
_entity.id
_entity.type
_entity.pdbx_description
1 polymer 'Sucrose isomerase'
2 non-polymer 'CALCIUM ION'
3 non-polymer 6-O-alpha-D-glucopyranosyl-D-fructose
4 non-polymer alpha-D-glucopyranose
5 water water
#
_entity_poly.entity_id   1
_entity_poly.type   'polypeptide(L)'
_entity_poly.pdbx_seq_one_letter_code
;KPGAPWWKSAVFYQVYPRSFKDTNGDGIGDFKGLTEKLDYLKGLGIDAIWINPHYASPNTDNGYDISDYREVMKEYGTME
DFDRLMAELKKRGMRLMVDVVINHSSDQHEWFKSSRASKDNPYRDYYFWRDGKDGHEPNNYPSFFGGSAWEKDPVTGQYY
LHYFGRQQPDLNWDTPKLREELYAMLRFWLDKGVSGMRFATVATYSKTPGFPDLTPEQMKNFAEAYTQGPNLHRYLQEMH
EKVFDHYDAVTAGEIFGAPLNQVPLFIDSRRKELDMAFTFDLIRYDRALDRWHTIPRTLADFRQTIDKVDAIAGEYGWNT
FFLGNHDNPRAVSHFGDDRPQWREASAKALATVTLTQRGTPFIFQGDELGMTNYPFKTLQDFDDIEVKGFFQDYVETGKA
TAEELLTNVALTSRNNARTPFQWDDSANAGFTTGKPWLKVNPNYTEINAAREIGDPKSVYSFYRNLISIRHETPALSTGS
YRDIDPSNADVYAYTRSQDGETYLVVVNFKAEPRSFTLPDGMHIAETLIESSSPAAPAAGAASLELQPWQSGIYKVK
;
_entity_poly.pdbx_strand_id   A,B
#
loop_
_chem_comp.id
_chem_comp.type
_chem_comp.name
_chem_comp.formula
CA non-polymer 'CALCIUM ION' 'Ca 2'
GLC D-saccharide, alpha linking alpha-D-glucopyranose 'C6 H12 O6'
ISL D-saccharide 6-O-alpha-D-glucopyranosyl-D-fructose 'C12 H22 O11'
#
# COMPACT_ATOMS: atom_id res chain seq x y z
N PRO A 2 -45.67 15.50 39.79
CA PRO A 2 -44.69 15.83 38.75
C PRO A 2 -45.22 15.50 37.36
N GLY A 3 -44.73 16.21 36.34
CA GLY A 3 -45.16 16.00 34.98
C GLY A 3 -44.23 15.13 34.17
N ALA A 4 -44.73 14.61 33.05
CA ALA A 4 -43.93 13.76 32.17
C ALA A 4 -43.23 14.61 31.11
N PRO A 5 -42.03 14.18 30.69
CA PRO A 5 -41.30 14.90 29.64
C PRO A 5 -42.13 15.01 28.36
N TRP A 6 -41.90 16.07 27.59
CA TRP A 6 -42.68 16.34 26.38
C TRP A 6 -42.62 15.18 25.39
N TRP A 7 -41.52 14.44 25.39
CA TRP A 7 -41.34 13.37 24.42
C TRP A 7 -42.08 12.07 24.76
N LYS A 8 -42.47 11.91 26.01
CA LYS A 8 -43.20 10.72 26.43
C LYS A 8 -44.64 10.72 25.92
N SER A 9 -45.21 11.90 25.72
CA SER A 9 -46.59 12.00 25.25
C SER A 9 -46.67 12.60 23.84
N ALA A 10 -45.54 12.68 23.16
CA ALA A 10 -45.49 13.22 21.81
C ALA A 10 -45.74 12.15 20.75
N VAL A 11 -46.28 12.57 19.60
CA VAL A 11 -46.44 11.70 18.43
C VAL A 11 -45.48 12.13 17.32
N PHE A 12 -44.53 11.26 17.01
CA PHE A 12 -43.50 11.55 16.00
C PHE A 12 -43.88 11.08 14.60
N TYR A 13 -43.32 11.75 13.60
CA TYR A 13 -43.53 11.40 12.21
C TYR A 13 -42.16 11.33 11.55
N GLN A 14 -41.85 10.21 10.92
CA GLN A 14 -40.56 10.06 10.26
C GLN A 14 -40.63 10.43 8.78
N VAL A 15 -39.86 11.45 8.41
CA VAL A 15 -39.76 11.88 7.02
C VAL A 15 -38.42 11.43 6.43
N TYR A 16 -38.50 10.74 5.30
CA TYR A 16 -37.32 10.35 4.54
C TYR A 16 -37.23 11.37 3.41
N PRO A 17 -36.44 12.44 3.62
CA PRO A 17 -36.52 13.65 2.79
C PRO A 17 -36.34 13.35 1.30
N ARG A 18 -35.46 12.41 0.99
CA ARG A 18 -35.21 12.00 -0.39
C ARG A 18 -36.49 11.60 -1.13
N SER A 19 -37.45 11.03 -0.41
CA SER A 19 -38.68 10.54 -1.04
C SER A 19 -39.96 11.21 -0.56
N PHE A 20 -39.85 12.42 0.00
CA PHE A 20 -41.01 13.11 0.55
C PHE A 20 -41.59 14.14 -0.44
N LYS A 21 -40.83 15.18 -0.74
CA LYS A 21 -41.35 16.20 -1.66
C LYS A 21 -40.24 16.91 -2.43
N ASP A 22 -40.30 16.77 -3.76
CA ASP A 22 -39.36 17.45 -4.65
C ASP A 22 -39.96 18.78 -5.10
N THR A 23 -39.12 19.79 -5.26
CA THR A 23 -39.59 21.12 -5.69
C THR A 23 -38.80 21.73 -6.84
N ASN A 24 -37.79 21.01 -7.33
CA ASN A 24 -36.99 21.53 -8.44
C ASN A 24 -36.86 20.55 -9.61
N GLY A 25 -37.73 19.55 -9.62
CA GLY A 25 -37.80 18.61 -10.73
C GLY A 25 -36.56 17.79 -11.02
N ASP A 26 -35.80 17.46 -9.98
CA ASP A 26 -34.62 16.62 -10.15
C ASP A 26 -34.93 15.18 -9.79
N GLY A 27 -36.14 14.95 -9.30
CA GLY A 27 -36.59 13.62 -8.94
C GLY A 27 -36.22 13.26 -7.51
N ILE A 28 -35.66 14.22 -6.79
CA ILE A 28 -35.24 13.99 -5.42
C ILE A 28 -35.93 14.95 -4.46
N GLY A 29 -36.47 14.42 -3.36
CA GLY A 29 -37.09 15.25 -2.35
C GLY A 29 -36.06 16.17 -1.73
N ASP A 30 -36.52 17.32 -1.22
CA ASP A 30 -35.60 18.31 -0.67
C ASP A 30 -36.23 19.05 0.51
N PHE A 31 -35.44 19.94 1.12
CA PHE A 31 -35.90 20.70 2.28
C PHE A 31 -37.07 21.62 1.97
N LYS A 32 -36.98 22.32 0.83
CA LYS A 32 -38.05 23.21 0.41
C LYS A 32 -39.37 22.46 0.26
N GLY A 33 -39.28 21.19 -0.13
CA GLY A 33 -40.45 20.35 -0.23
C GLY A 33 -41.06 20.04 1.12
N LEU A 34 -40.21 19.71 2.08
CA LEU A 34 -40.64 19.39 3.44
C LEU A 34 -41.28 20.61 4.12
N THR A 35 -40.71 21.78 3.87
CA THR A 35 -41.20 23.02 4.47
C THR A 35 -42.60 23.36 3.98
N GLU A 36 -42.85 23.12 2.69
CA GLU A 36 -44.15 23.40 2.10
C GLU A 36 -45.23 22.44 2.56
N LYS A 37 -44.83 21.41 3.29
CA LYS A 37 -45.76 20.38 3.75
C LYS A 37 -45.90 20.35 5.27
N LEU A 38 -45.40 21.38 5.93
CA LEU A 38 -45.49 21.43 7.40
C LEU A 38 -46.94 21.56 7.87
N ASP A 39 -47.73 22.30 7.12
CA ASP A 39 -49.15 22.49 7.44
C ASP A 39 -49.90 21.18 7.36
N TYR A 40 -49.58 20.37 6.36
CA TYR A 40 -50.17 19.04 6.24
C TYR A 40 -49.88 18.21 7.49
N LEU A 41 -48.63 18.23 7.93
CA LEU A 41 -48.21 17.46 9.11
C LEU A 41 -48.85 17.98 10.40
N LYS A 42 -48.89 19.31 10.55
CA LYS A 42 -49.57 19.93 11.68
CA LYS A 42 -49.56 19.92 11.70
C LYS A 42 -51.03 19.49 11.75
N GLY A 43 -51.75 19.66 10.64
CA GLY A 43 -53.15 19.27 10.54
C GLY A 43 -53.42 17.81 10.90
N LEU A 44 -52.45 16.95 10.63
CA LEU A 44 -52.52 15.55 11.02
C LEU A 44 -52.44 15.41 12.55
N GLY A 45 -51.71 16.33 13.18
CA GLY A 45 -51.56 16.33 14.63
C GLY A 45 -50.16 16.00 15.09
N ILE A 46 -49.18 16.12 14.19
CA ILE A 46 -47.80 15.75 14.48
C ILE A 46 -47.06 16.77 15.35
N ASP A 47 -46.46 16.30 16.43
CA ASP A 47 -45.76 17.18 17.37
C ASP A 47 -44.29 17.36 17.02
N ALA A 48 -43.68 16.32 16.47
CA ALA A 48 -42.25 16.35 16.19
C ALA A 48 -41.88 15.50 14.98
N ILE A 49 -40.80 15.89 14.31
CA ILE A 49 -40.36 15.25 13.08
C ILE A 49 -38.95 14.69 13.19
N TRP A 50 -38.78 13.40 12.88
CA TRP A 50 -37.47 12.83 12.69
C TRP A 50 -37.17 12.76 11.20
N ILE A 51 -36.12 13.45 10.77
CA ILE A 51 -35.66 13.34 9.40
C ILE A 51 -34.42 12.46 9.30
N ASN A 52 -34.34 11.69 8.22
CA ASN A 52 -33.16 10.89 7.93
C ASN A 52 -31.99 11.80 7.56
N PRO A 53 -30.74 11.27 7.59
CA PRO A 53 -29.54 12.10 7.43
C PRO A 53 -29.63 13.15 6.31
N HIS A 54 -29.22 14.37 6.65
CA HIS A 54 -29.33 15.52 5.77
C HIS A 54 -27.99 16.20 5.58
N TYR A 55 -26.92 15.47 5.84
CA TYR A 55 -25.56 16.02 5.77
C TYR A 55 -24.92 15.71 4.43
N ALA A 56 -23.84 16.42 4.12
CA ALA A 56 -23.09 16.19 2.89
C ALA A 56 -22.69 14.72 2.78
N SER A 57 -22.98 14.12 1.62
CA SER A 57 -22.82 12.69 1.43
C SER A 57 -22.73 12.32 -0.04
N PRO A 58 -21.83 11.37 -0.38
CA PRO A 58 -21.75 10.81 -1.74
C PRO A 58 -22.96 9.94 -2.05
N ASN A 59 -23.75 9.64 -1.01
CA ASN A 59 -24.98 8.85 -1.14
C ASN A 59 -24.83 7.41 -1.63
N THR A 60 -23.76 6.74 -1.21
CA THR A 60 -23.65 5.30 -1.44
C THR A 60 -24.62 4.55 -0.54
N ASP A 61 -25.06 5.20 0.54
CA ASP A 61 -26.09 4.63 1.42
C ASP A 61 -27.15 5.68 1.73
N ASN A 62 -27.39 6.56 0.77
CA ASN A 62 -28.42 7.60 0.87
C ASN A 62 -28.37 8.43 2.15
N GLY A 63 -27.21 9.05 2.39
CA GLY A 63 -27.04 9.94 3.51
C GLY A 63 -26.36 9.33 4.73
N TYR A 64 -26.35 8.01 4.80
CA TYR A 64 -25.68 7.34 5.93
C TYR A 64 -24.18 7.17 5.70
N ASP A 65 -23.68 7.74 4.61
CA ASP A 65 -22.23 7.86 4.41
C ASP A 65 -21.85 9.33 4.34
N ILE A 66 -21.51 9.91 5.49
CA ILE A 66 -21.33 11.36 5.61
C ILE A 66 -19.91 11.82 5.38
N SER A 67 -19.75 12.77 4.46
CA SER A 67 -18.44 13.29 4.09
C SER A 67 -18.13 14.64 4.75
N ASP A 68 -19.13 15.23 5.38
CA ASP A 68 -18.96 16.50 6.13
C ASP A 68 -20.12 16.71 7.08
N TYR A 69 -19.87 16.56 8.38
CA TYR A 69 -20.93 16.61 9.37
C TYR A 69 -21.53 18.01 9.58
N ARG A 70 -20.84 19.05 9.10
CA ARG A 70 -21.30 20.41 9.34
C ARG A 70 -21.82 21.09 8.08
N GLU A 71 -21.99 20.32 7.02
CA GLU A 71 -22.59 20.83 5.80
C GLU A 71 -23.84 20.05 5.48
N VAL A 72 -24.77 20.71 4.80
CA VAL A 72 -26.04 20.10 4.41
C VAL A 72 -25.89 19.39 3.07
N MET A 73 -26.59 18.26 2.90
CA MET A 73 -26.58 17.52 1.64
C MET A 73 -27.00 18.42 0.48
N LYS A 74 -26.16 18.48 -0.54
CA LYS A 74 -26.42 19.32 -1.71
C LYS A 74 -27.77 19.05 -2.36
N GLU A 75 -28.18 17.78 -2.38
CA GLU A 75 -29.47 17.41 -2.94
C GLU A 75 -30.65 18.05 -2.19
N TYR A 76 -30.50 18.22 -0.87
CA TYR A 76 -31.60 18.71 -0.04
C TYR A 76 -31.68 20.25 0.00
N GLY A 77 -30.58 20.91 -0.34
CA GLY A 77 -30.55 22.36 -0.35
C GLY A 77 -29.30 22.92 0.30
N THR A 78 -29.46 24.07 0.96
CA THR A 78 -28.34 24.72 1.64
C THR A 78 -28.63 24.85 3.13
N MET A 79 -27.65 25.33 3.89
CA MET A 79 -27.81 25.55 5.32
C MET A 79 -28.95 26.52 5.59
N GLU A 80 -29.14 27.45 4.67
CA GLU A 80 -30.23 28.42 4.75
C GLU A 80 -31.58 27.72 4.71
N ASP A 81 -31.71 26.72 3.84
CA ASP A 81 -32.95 25.95 3.74
C ASP A 81 -33.20 25.17 5.03
N PHE A 82 -32.13 24.67 5.65
CA PHE A 82 -32.25 23.93 6.89
C PHE A 82 -32.76 24.83 8.02
N ASP A 83 -32.23 26.06 8.08
CA ASP A 83 -32.63 27.02 9.11
C ASP A 83 -34.07 27.44 8.93
N ARG A 84 -34.47 27.65 7.68
CA ARG A 84 -35.85 28.02 7.38
C ARG A 84 -36.80 26.91 7.80
N LEU A 85 -36.39 25.67 7.56
CA LEU A 85 -37.16 24.51 8.01
C LEU A 85 -37.36 24.55 9.51
N MET A 86 -36.28 24.84 10.23
CA MET A 86 -36.33 25.02 11.68
C MET A 86 -37.33 26.09 12.09
N ALA A 87 -37.18 27.27 11.48
CA ALA A 87 -38.00 28.42 11.82
C ALA A 87 -39.48 28.17 11.53
N GLU A 88 -39.77 27.55 10.39
CA GLU A 88 -41.14 27.23 10.03
C GLU A 88 -41.73 26.15 10.94
N LEU A 89 -40.87 25.25 11.42
CA LEU A 89 -41.29 24.26 12.40
C LEU A 89 -41.65 24.93 13.71
N LYS A 90 -40.75 25.80 14.18
CA LYS A 90 -40.93 26.47 15.47
C LYS A 90 -42.21 27.31 15.48
N LYS A 91 -42.50 27.96 14.37
CA LYS A 91 -43.71 28.77 14.25
C LYS A 91 -44.99 27.95 14.41
N ARG A 92 -44.89 26.64 14.23
CA ARG A 92 -46.04 25.75 14.38
C ARG A 92 -45.95 24.98 15.69
N GLY A 93 -45.01 25.37 16.54
CA GLY A 93 -44.80 24.70 17.81
C GLY A 93 -44.37 23.26 17.61
N MET A 94 -43.68 23.00 16.51
CA MET A 94 -43.21 21.66 16.21
C MET A 94 -41.71 21.55 16.49
N ARG A 95 -41.25 20.34 16.77
CA ARG A 95 -39.84 20.10 17.08
C ARG A 95 -39.19 19.22 16.04
N LEU A 96 -37.86 19.29 15.96
CA LEU A 96 -37.12 18.51 14.98
C LEU A 96 -36.11 17.58 15.65
N MET A 97 -36.16 16.31 15.25
CA MET A 97 -35.15 15.33 15.63
C MET A 97 -34.33 14.98 14.38
N VAL A 98 -33.01 15.01 14.51
CA VAL A 98 -32.13 14.67 13.39
C VAL A 98 -31.44 13.34 13.61
N ASP A 99 -30.94 12.76 12.52
CA ASP A 99 -30.25 11.47 12.56
C ASP A 99 -28.77 11.73 12.84
N VAL A 100 -28.19 10.95 13.75
CA VAL A 100 -26.78 11.09 14.06
C VAL A 100 -26.03 9.81 13.71
N VAL A 101 -25.15 9.90 12.71
CA VAL A 101 -24.44 8.73 12.20
C VAL A 101 -22.96 8.80 12.52
N ILE A 102 -22.58 8.31 13.70
CA ILE A 102 -21.21 8.45 14.17
C ILE A 102 -20.55 7.13 14.55
N ASN A 103 -21.07 6.04 13.99
CA ASN A 103 -20.39 4.76 14.07
C ASN A 103 -19.34 4.71 12.98
N HIS A 104 -19.61 5.46 11.92
CA HIS A 104 -18.74 5.47 10.75
C HIS A 104 -18.98 6.76 9.97
N SER A 105 -18.10 7.05 9.02
CA SER A 105 -18.28 8.17 8.11
C SER A 105 -18.10 7.69 6.68
N SER A 106 -18.23 8.61 5.72
CA SER A 106 -17.90 8.29 4.34
C SER A 106 -16.38 8.19 4.18
N ASP A 107 -15.94 7.48 3.15
CA ASP A 107 -14.51 7.37 2.86
C ASP A 107 -14.04 8.63 2.14
N GLN A 108 -14.98 9.52 1.85
CA GLN A 108 -14.66 10.81 1.25
C GLN A 108 -14.52 11.92 2.30
N HIS A 109 -14.73 11.58 3.57
CA HIS A 109 -14.51 12.54 4.65
C HIS A 109 -13.02 12.88 4.75
N GLU A 110 -12.74 14.14 5.07
CA GLU A 110 -11.36 14.59 5.17
C GLU A 110 -10.55 13.81 6.20
N TRP A 111 -11.21 13.40 7.28
CA TRP A 111 -10.55 12.59 8.30
C TRP A 111 -9.95 11.33 7.71
N PHE A 112 -10.73 10.65 6.87
CA PHE A 112 -10.29 9.39 6.27
C PHE A 112 -9.25 9.59 5.17
N LYS A 113 -9.41 10.65 4.38
CA LYS A 113 -8.43 10.98 3.35
C LYS A 113 -7.04 11.18 3.96
N SER A 114 -7.00 11.83 5.11
CA SER A 114 -5.75 12.02 5.84
C SER A 114 -5.32 10.71 6.48
N SER A 115 -6.24 10.06 7.17
CA SER A 115 -5.97 8.82 7.88
C SER A 115 -5.32 7.77 6.98
N ARG A 116 -5.78 7.70 5.74
CA ARG A 116 -5.29 6.66 4.86
CA ARG A 116 -5.36 6.74 4.72
C ARG A 116 -3.93 6.98 4.24
N ALA A 117 -3.50 8.23 4.31
CA ALA A 117 -2.24 8.68 3.71
C ALA A 117 -0.99 7.93 4.18
N SER A 118 -0.88 7.71 5.49
CA SER A 118 0.27 7.03 6.06
C SER A 118 -0.02 6.54 7.47
N LYS A 119 0.89 5.74 8.01
CA LYS A 119 0.73 5.21 9.36
C LYS A 119 1.04 6.24 10.43
N ASP A 120 1.75 7.31 10.06
CA ASP A 120 2.16 8.32 11.03
C ASP A 120 1.30 9.58 10.95
N ASN A 121 0.30 9.56 10.07
CA ASN A 121 -0.64 10.66 9.96
C ASN A 121 -1.37 10.89 11.28
N PRO A 122 -1.56 12.16 11.67
CA PRO A 122 -2.26 12.52 12.90
C PRO A 122 -3.69 11.96 12.97
N TYR A 123 -4.29 11.70 11.82
CA TYR A 123 -5.67 11.21 11.77
C TYR A 123 -5.77 9.69 11.60
N ARG A 124 -4.62 9.02 11.60
CA ARG A 124 -4.57 7.56 11.39
C ARG A 124 -5.48 6.81 12.34
N ASP A 125 -5.48 7.19 13.61
CA ASP A 125 -6.28 6.51 14.62
C ASP A 125 -7.71 7.02 14.74
N TYR A 126 -8.16 7.81 13.77
CA TYR A 126 -9.57 8.18 13.69
C TYR A 126 -10.37 6.98 13.20
N TYR A 127 -9.67 5.99 12.65
CA TYR A 127 -10.28 4.77 12.14
C TYR A 127 -9.48 3.56 12.62
N PHE A 128 -9.89 2.36 12.20
CA PHE A 128 -9.20 1.15 12.61
C PHE A 128 -8.35 0.59 11.48
N TRP A 129 -7.04 0.57 11.70
CA TRP A 129 -6.11 0.02 10.72
C TRP A 129 -5.36 -1.17 11.30
N ARG A 130 -5.40 -2.30 10.59
CA ARG A 130 -4.75 -3.52 11.06
C ARG A 130 -4.01 -4.26 9.95
N ASP A 131 -2.92 -4.92 10.31
CA ASP A 131 -2.20 -5.78 9.39
C ASP A 131 -3.01 -7.01 9.03
N GLY A 132 -2.76 -7.57 7.85
CA GLY A 132 -3.38 -8.81 7.47
C GLY A 132 -2.92 -9.95 8.35
N LYS A 133 -3.63 -11.06 8.29
CA LYS A 133 -3.28 -12.23 9.10
C LYS A 133 -3.21 -13.50 8.25
N ASP A 134 -2.04 -14.11 8.23
CA ASP A 134 -1.77 -15.31 7.43
C ASP A 134 -2.16 -15.14 5.96
N GLY A 135 -1.79 -14.01 5.38
CA GLY A 135 -2.08 -13.75 3.97
C GLY A 135 -3.52 -13.36 3.70
N HIS A 136 -4.29 -13.17 4.76
CA HIS A 136 -5.71 -12.82 4.62
C HIS A 136 -6.09 -11.60 5.45
N GLU A 137 -7.39 -11.40 5.66
CA GLU A 137 -7.90 -10.30 6.48
C GLU A 137 -7.41 -10.43 7.93
N PRO A 138 -7.40 -9.30 8.68
CA PRO A 138 -7.03 -9.35 10.10
C PRO A 138 -7.83 -10.39 10.88
N ASN A 139 -9.12 -10.48 10.60
CA ASN A 139 -9.94 -11.54 11.20
C ASN A 139 -11.12 -11.93 10.32
N ASN A 140 -12.06 -12.69 10.89
CA ASN A 140 -13.17 -13.23 10.12
C ASN A 140 -14.44 -12.37 10.11
N TYR A 141 -14.32 -11.10 10.49
CA TYR A 141 -15.47 -10.18 10.52
C TYR A 141 -16.14 -10.06 9.15
N PRO A 142 -17.44 -10.36 9.08
CA PRO A 142 -18.23 -10.11 7.88
C PRO A 142 -18.91 -8.75 7.92
N SER A 143 -19.13 -8.16 6.74
CA SER A 143 -19.80 -6.87 6.65
C SER A 143 -21.31 -7.05 6.47
N PHE A 144 -22.09 -6.13 7.00
CA PHE A 144 -23.54 -6.15 6.83
C PHE A 144 -23.90 -6.05 5.35
N PHE A 145 -23.10 -5.32 4.60
CA PHE A 145 -23.39 -5.05 3.19
C PHE A 145 -22.48 -5.84 2.23
N GLY A 146 -22.04 -7.02 2.65
CA GLY A 146 -21.39 -7.95 1.76
C GLY A 146 -19.89 -8.14 1.94
N GLY A 147 -19.47 -9.41 1.99
CA GLY A 147 -18.06 -9.74 2.09
C GLY A 147 -17.47 -9.41 3.45
N SER A 148 -16.14 -9.36 3.50
CA SER A 148 -15.38 -9.07 4.71
C SER A 148 -15.61 -7.65 5.22
N ALA A 149 -15.52 -7.48 6.54
CA ALA A 149 -15.62 -6.16 7.14
C ALA A 149 -14.28 -5.43 7.07
N TRP A 150 -13.26 -6.10 6.51
CA TRP A 150 -11.94 -5.52 6.37
C TRP A 150 -11.60 -5.26 4.90
N GLU A 151 -11.13 -4.05 4.60
CA GLU A 151 -10.78 -3.69 3.23
C GLU A 151 -9.34 -3.19 3.16
N LYS A 152 -8.53 -3.88 2.36
CA LYS A 152 -7.12 -3.53 2.20
C LYS A 152 -6.93 -2.26 1.41
N ASP A 153 -6.02 -1.41 1.87
CA ASP A 153 -5.66 -0.18 1.17
C ASP A 153 -4.18 -0.25 0.79
N PRO A 154 -3.89 -0.26 -0.53
CA PRO A 154 -2.53 -0.40 -1.08
C PRO A 154 -1.61 0.76 -0.70
N VAL A 155 -2.19 1.89 -0.31
CA VAL A 155 -1.41 3.05 0.09
C VAL A 155 -0.48 2.74 1.27
N THR A 156 -0.96 1.91 2.19
CA THR A 156 -0.17 1.51 3.36
C THR A 156 -0.07 0.00 3.52
N GLY A 157 -0.90 -0.74 2.80
CA GLY A 157 -0.88 -2.20 2.87
C GLY A 157 -1.63 -2.76 4.05
N GLN A 158 -2.29 -1.90 4.81
CA GLN A 158 -3.11 -2.35 5.92
C GLN A 158 -4.59 -2.35 5.59
N TYR A 159 -5.38 -3.02 6.42
CA TYR A 159 -6.83 -3.11 6.23
C TYR A 159 -7.53 -2.14 7.17
N TYR A 160 -8.64 -1.57 6.71
CA TYR A 160 -9.48 -0.77 7.59
C TYR A 160 -10.82 -1.47 7.85
N LEU A 161 -11.40 -1.19 9.00
CA LEU A 161 -12.64 -1.84 9.42
C LEU A 161 -13.86 -1.09 8.90
N HIS A 162 -14.86 -1.84 8.44
CA HIS A 162 -16.14 -1.26 8.05
C HIS A 162 -17.26 -2.29 8.25
N TYR A 163 -18.07 -2.09 9.29
CA TYR A 163 -19.19 -2.98 9.58
C TYR A 163 -20.20 -2.98 8.44
N PHE A 164 -20.33 -1.83 7.79
CA PHE A 164 -21.27 -1.70 6.69
C PHE A 164 -20.58 -1.58 5.35
N GLY A 165 -20.96 -0.59 4.56
CA GLY A 165 -20.42 -0.43 3.23
C GLY A 165 -18.92 -0.21 3.20
N ARG A 166 -18.27 -0.66 2.13
CA ARG A 166 -16.83 -0.49 1.98
CA ARG A 166 -16.84 -0.48 1.95
C ARG A 166 -16.45 0.98 1.96
N GLN A 167 -17.40 1.84 1.59
CA GLN A 167 -17.18 3.27 1.56
C GLN A 167 -17.70 3.90 2.84
N GLN A 168 -17.77 3.09 3.90
CA GLN A 168 -18.24 3.55 5.21
C GLN A 168 -17.35 3.03 6.34
N PRO A 169 -16.10 3.53 6.42
CA PRO A 169 -15.16 3.07 7.45
C PRO A 169 -15.59 3.47 8.86
N ASP A 170 -15.48 2.53 9.80
CA ASP A 170 -15.88 2.78 11.19
C ASP A 170 -14.95 3.76 11.90
N LEU A 171 -15.55 4.62 12.72
CA LEU A 171 -14.80 5.60 13.50
C LEU A 171 -14.25 4.97 14.78
N ASN A 172 -13.06 5.39 15.18
CA ASN A 172 -12.38 4.79 16.33
C ASN A 172 -12.67 5.56 17.62
N TRP A 173 -13.69 5.10 18.35
CA TRP A 173 -14.10 5.74 19.60
C TRP A 173 -13.09 5.62 20.73
N ASP A 174 -12.11 4.73 20.56
CA ASP A 174 -11.07 4.55 21.59
C ASP A 174 -10.08 5.70 21.59
N THR A 175 -10.15 6.55 20.56
CA THR A 175 -9.27 7.69 20.45
C THR A 175 -9.94 8.95 20.99
N PRO A 176 -9.41 9.50 22.10
CA PRO A 176 -9.97 10.66 22.80
C PRO A 176 -10.17 11.87 21.89
N LYS A 177 -9.19 12.17 21.05
CA LYS A 177 -9.28 13.32 20.15
C LYS A 177 -10.44 13.16 19.17
N LEU A 178 -10.74 11.93 18.78
CA LEU A 178 -11.86 11.64 17.90
C LEU A 178 -13.18 11.90 18.62
N ARG A 179 -13.30 11.42 19.85
CA ARG A 179 -14.51 11.64 20.64
C ARG A 179 -14.82 13.12 20.83
N GLU A 180 -13.78 13.93 21.06
CA GLU A 180 -13.98 15.36 21.26
C GLU A 180 -14.46 16.03 19.97
N GLU A 181 -13.98 15.55 18.83
CA GLU A 181 -14.44 16.07 17.55
C GLU A 181 -15.92 15.79 17.36
N LEU A 182 -16.34 14.57 17.69
CA LEU A 182 -17.74 14.18 17.58
C LEU A 182 -18.63 15.02 18.50
N TYR A 183 -18.15 15.28 19.72
CA TYR A 183 -18.90 16.05 20.70
C TYR A 183 -19.09 17.50 20.25
N ALA A 184 -18.05 18.09 19.65
CA ALA A 184 -18.13 19.45 19.16
C ALA A 184 -19.07 19.53 17.98
N MET A 185 -19.13 18.45 17.21
CA MET A 185 -20.04 18.38 16.07
C MET A 185 -21.49 18.33 16.54
N LEU A 186 -21.74 17.55 17.58
CA LEU A 186 -23.08 17.45 18.14
C LEU A 186 -23.53 18.81 18.68
N ARG A 187 -22.64 19.51 19.38
CA ARG A 187 -22.98 20.83 19.92
C ARG A 187 -23.33 21.79 18.80
N PHE A 188 -22.63 21.67 17.69
CA PHE A 188 -22.85 22.52 16.52
C PHE A 188 -24.32 22.51 16.08
N TRP A 189 -24.92 21.33 15.99
CA TRP A 189 -26.33 21.24 15.60
C TRP A 189 -27.28 21.58 16.73
N LEU A 190 -26.91 21.23 17.96
CA LEU A 190 -27.73 21.52 19.14
C LEU A 190 -27.82 23.01 19.43
N ASP A 191 -26.75 23.75 19.13
CA ASP A 191 -26.74 25.20 19.31
C ASP A 191 -27.67 25.86 18.30
N LYS A 192 -28.00 25.15 17.24
CA LYS A 192 -28.90 25.68 16.21
C LYS A 192 -30.36 25.46 16.57
N GLY A 193 -30.61 24.70 17.64
CA GLY A 193 -31.95 24.54 18.16
C GLY A 193 -32.61 23.21 17.89
N VAL A 194 -31.82 22.21 17.47
CA VAL A 194 -32.33 20.87 17.29
C VAL A 194 -32.88 20.31 18.60
N SER A 195 -34.07 19.70 18.54
CA SER A 195 -34.77 19.24 19.74
C SER A 195 -34.56 17.77 20.04
N GLY A 196 -34.01 17.02 19.09
CA GLY A 196 -33.85 15.60 19.28
C GLY A 196 -32.78 15.00 18.40
N MET A 197 -32.20 13.89 18.84
CA MET A 197 -31.20 13.19 18.05
C MET A 197 -31.44 11.68 18.05
N ARG A 198 -31.42 11.09 16.87
CA ARG A 198 -31.55 9.65 16.73
C ARG A 198 -30.18 9.07 16.37
N PHE A 199 -29.66 8.20 17.22
CA PHE A 199 -28.35 7.62 17.00
C PHE A 199 -28.40 6.29 16.24
N ALA A 200 -27.98 6.34 14.99
CA ALA A 200 -27.94 5.16 14.13
C ALA A 200 -26.92 4.15 14.63
N THR A 201 -27.32 2.87 14.65
CA THR A 201 -26.52 1.74 15.16
C THR A 201 -25.65 2.09 16.39
N VAL A 202 -26.30 2.68 17.38
CA VAL A 202 -25.62 3.20 18.57
C VAL A 202 -24.89 2.14 19.39
N ALA A 203 -25.32 0.88 19.25
CA ALA A 203 -24.77 -0.21 20.06
C ALA A 203 -23.43 -0.76 19.55
N THR A 204 -22.97 -0.27 18.40
CA THR A 204 -21.73 -0.79 17.82
C THR A 204 -20.53 0.16 17.96
N TYR A 205 -20.68 1.23 18.75
CA TYR A 205 -19.61 2.23 18.86
C TYR A 205 -18.30 1.64 19.39
N SER A 206 -18.40 0.72 20.35
CA SER A 206 -17.20 0.14 20.96
C SER A 206 -16.76 -1.15 20.28
N LYS A 207 -15.48 -1.18 19.90
CA LYS A 207 -14.88 -2.35 19.26
C LYS A 207 -14.10 -3.17 20.29
N THR A 208 -14.05 -4.48 20.10
CA THR A 208 -13.35 -5.35 21.03
C THR A 208 -11.84 -5.26 20.84
N PRO A 209 -11.10 -5.04 21.94
CA PRO A 209 -9.63 -4.92 21.91
C PRO A 209 -8.93 -6.14 21.31
N GLY A 210 -8.05 -5.93 20.35
CA GLY A 210 -7.29 -7.01 19.75
C GLY A 210 -7.98 -7.64 18.56
N PHE A 211 -9.27 -7.32 18.38
CA PHE A 211 -10.08 -7.89 17.31
C PHE A 211 -9.92 -9.40 17.13
N PRO A 212 -10.20 -10.19 18.18
CA PRO A 212 -10.04 -11.64 18.01
C PRO A 212 -11.10 -12.22 17.08
N ASP A 213 -10.82 -13.39 16.52
CA ASP A 213 -11.76 -14.05 15.62
C ASP A 213 -13.09 -14.35 16.30
N LEU A 214 -14.17 -14.21 15.54
CA LEU A 214 -15.48 -14.59 16.05
C LEU A 214 -15.58 -16.11 16.11
N THR A 215 -16.13 -16.62 17.21
CA THR A 215 -16.36 -18.05 17.35
C THR A 215 -17.41 -18.50 16.31
N PRO A 216 -17.49 -19.81 16.03
CA PRO A 216 -18.48 -20.29 15.08
C PRO A 216 -19.91 -19.85 15.42
N GLU A 217 -20.24 -19.85 16.71
CA GLU A 217 -21.56 -19.43 17.16
C GLU A 217 -21.76 -17.93 16.94
N GLN A 218 -20.77 -17.13 17.35
CA GLN A 218 -20.84 -15.68 17.19
C GLN A 218 -20.92 -15.31 15.72
N MET A 219 -20.26 -16.11 14.88
CA MET A 219 -20.23 -15.89 13.44
C MET A 219 -21.64 -15.95 12.86
N LYS A 220 -22.48 -16.81 13.41
CA LYS A 220 -23.86 -16.92 12.98
C LYS A 220 -24.58 -15.60 13.24
N ASN A 221 -24.59 -15.17 14.50
CA ASN A 221 -25.22 -13.92 14.89
CA ASN A 221 -25.21 -13.91 14.85
C ASN A 221 -24.19 -12.82 15.12
N PHE A 222 -23.54 -12.36 14.05
CA PHE A 222 -22.50 -11.35 14.19
C PHE A 222 -23.06 -9.98 14.56
N ALA A 223 -24.32 -9.73 14.24
CA ALA A 223 -24.97 -8.46 14.59
C ALA A 223 -24.96 -8.24 16.10
N GLU A 224 -25.21 -9.32 16.83
CA GLU A 224 -25.20 -9.28 18.29
C GLU A 224 -23.79 -9.08 18.83
N ALA A 225 -22.83 -9.79 18.23
CA ALA A 225 -21.44 -9.73 18.67
C ALA A 225 -20.83 -8.34 18.54
N TYR A 226 -21.28 -7.59 17.55
CA TYR A 226 -20.77 -6.23 17.34
C TYR A 226 -21.30 -5.23 18.37
N THR A 227 -22.25 -5.67 19.19
CA THR A 227 -22.83 -4.79 20.20
C THR A 227 -22.28 -5.11 21.58
N GLN A 228 -21.20 -5.89 21.63
CA GLN A 228 -20.67 -6.34 22.91
C GLN A 228 -19.30 -5.73 23.22
N GLY A 229 -19.03 -4.55 22.67
CA GLY A 229 -17.82 -3.81 22.98
C GLY A 229 -17.74 -3.47 24.45
N PRO A 230 -16.56 -3.65 25.05
CA PRO A 230 -16.38 -3.48 26.50
C PRO A 230 -16.53 -2.04 26.99
N ASN A 231 -16.35 -1.06 26.12
CA ASN A 231 -16.42 0.34 26.54
C ASN A 231 -17.63 1.11 26.03
N LEU A 232 -18.66 0.40 25.60
CA LEU A 232 -19.81 1.01 24.95
C LEU A 232 -20.53 2.02 25.85
N HIS A 233 -20.93 1.58 27.03
CA HIS A 233 -21.70 2.42 27.94
C HIS A 233 -20.82 3.50 28.55
N ARG A 234 -19.52 3.23 28.57
CA ARG A 234 -18.54 4.22 29.01
C ARG A 234 -18.56 5.41 28.05
N TYR A 235 -18.63 5.12 26.76
CA TYR A 235 -18.64 6.17 25.74
C TYR A 235 -19.98 6.91 25.73
N LEU A 236 -21.06 6.18 25.94
CA LEU A 236 -22.38 6.80 25.98
C LEU A 236 -22.58 7.70 27.20
N GLN A 237 -22.08 7.27 28.36
CA GLN A 237 -22.14 8.11 29.54
C GLN A 237 -21.31 9.38 29.35
N GLU A 238 -20.13 9.24 28.72
CA GLU A 238 -19.28 10.39 28.47
C GLU A 238 -19.94 11.40 27.54
N MET A 239 -20.56 10.91 26.47
CA MET A 239 -21.26 11.77 25.54
C MET A 239 -22.39 12.53 26.22
N HIS A 240 -23.05 11.91 27.19
CA HIS A 240 -24.10 12.58 27.95
C HIS A 240 -23.50 13.69 28.83
N GLU A 241 -22.38 13.39 29.48
CA GLU A 241 -21.73 14.32 30.39
C GLU A 241 -21.24 15.58 29.68
N LYS A 242 -20.68 15.40 28.50
CA LYS A 242 -20.04 16.50 27.80
C LYS A 242 -20.93 17.17 26.77
N VAL A 243 -22.07 16.56 26.47
CA VAL A 243 -22.98 17.11 25.47
C VAL A 243 -24.41 17.33 25.98
N PHE A 244 -25.17 16.24 26.11
CA PHE A 244 -26.60 16.36 26.33
C PHE A 244 -27.01 16.81 27.73
N ASP A 245 -26.08 16.76 28.66
CA ASP A 245 -26.35 17.24 30.01
C ASP A 245 -26.53 18.76 29.99
N HIS A 246 -25.97 19.40 28.97
CA HIS A 246 -25.98 20.85 28.86
C HIS A 246 -27.13 21.35 27.99
N TYR A 247 -27.92 20.42 27.45
CA TYR A 247 -29.05 20.78 26.58
C TYR A 247 -30.32 20.09 27.06
N ASP A 248 -31.43 20.43 26.41
CA ASP A 248 -32.72 19.82 26.73
C ASP A 248 -33.29 19.05 25.54
N ALA A 249 -32.40 18.46 24.74
CA ALA A 249 -32.84 17.68 23.59
C ALA A 249 -33.09 16.24 23.99
N VAL A 250 -33.99 15.57 23.28
CA VAL A 250 -34.25 14.16 23.53
C VAL A 250 -33.31 13.28 22.71
N THR A 251 -32.81 12.21 23.31
CA THR A 251 -31.93 11.27 22.60
C THR A 251 -32.61 9.93 22.38
N ALA A 252 -32.54 9.45 21.14
CA ALA A 252 -33.13 8.18 20.77
C ALA A 252 -32.08 7.28 20.13
N GLY A 253 -31.85 6.11 20.72
CA GLY A 253 -30.85 5.20 20.20
C GLY A 253 -31.43 4.08 19.36
N GLU A 254 -30.83 3.86 18.19
CA GLU A 254 -31.16 2.69 17.39
C GLU A 254 -30.33 1.53 17.90
N ILE A 255 -30.93 0.68 18.72
CA ILE A 255 -30.20 -0.44 19.31
C ILE A 255 -30.38 -1.71 18.48
N PHE A 256 -29.60 -1.84 17.42
CA PHE A 256 -29.73 -2.97 16.51
C PHE A 256 -28.72 -4.06 16.83
N GLY A 257 -29.22 -5.28 17.00
CA GLY A 257 -28.36 -6.43 17.22
C GLY A 257 -28.28 -6.84 18.68
N ALA A 258 -28.50 -5.89 19.59
CA ALA A 258 -28.38 -6.17 21.01
C ALA A 258 -29.59 -6.91 21.56
N PRO A 259 -29.36 -7.90 22.44
CA PRO A 259 -30.43 -8.64 23.08
C PRO A 259 -31.26 -7.72 23.98
N LEU A 260 -32.54 -8.07 24.18
CA LEU A 260 -33.46 -7.21 24.92
C LEU A 260 -32.98 -6.91 26.34
N ASN A 261 -32.41 -7.91 27.00
CA ASN A 261 -32.06 -7.80 28.41
C ASN A 261 -30.99 -6.75 28.69
N GLN A 262 -30.34 -6.26 27.63
CA GLN A 262 -29.30 -5.25 27.77
C GLN A 262 -29.83 -3.84 27.49
N VAL A 263 -31.02 -3.75 26.92
CA VAL A 263 -31.63 -2.45 26.62
C VAL A 263 -31.72 -1.49 27.82
N PRO A 264 -32.08 -1.99 29.02
CA PRO A 264 -32.11 -1.09 30.19
C PRO A 264 -30.85 -0.25 30.39
N LEU A 265 -29.68 -0.82 30.07
CA LEU A 265 -28.42 -0.11 30.23
C LEU A 265 -28.36 1.16 29.37
N PHE A 266 -29.13 1.17 28.29
CA PHE A 266 -29.15 2.29 27.35
C PHE A 266 -30.17 3.37 27.75
N ILE A 267 -31.25 2.98 28.42
CA ILE A 267 -32.39 3.89 28.58
C ILE A 267 -32.79 4.22 30.02
N ASP A 268 -32.22 3.52 30.99
CA ASP A 268 -32.47 3.84 32.39
C ASP A 268 -32.00 5.27 32.65
N SER A 269 -32.92 6.15 33.03
CA SER A 269 -32.63 7.57 33.20
C SER A 269 -31.57 7.80 34.26
N ARG A 270 -31.50 6.91 35.24
CA ARG A 270 -30.52 7.00 36.31
C ARG A 270 -29.09 6.82 35.81
N ARG A 271 -28.95 6.18 34.65
CA ARG A 271 -27.62 5.88 34.09
C ARG A 271 -27.07 7.03 33.25
N LYS A 272 -27.95 7.98 32.92
CA LYS A 272 -27.57 9.15 32.12
C LYS A 272 -26.89 8.77 30.81
N GLU A 273 -27.61 8.05 29.97
CA GLU A 273 -27.13 7.71 28.64
C GLU A 273 -28.13 8.22 27.60
N LEU A 274 -29.11 7.39 27.27
CA LEU A 274 -30.14 7.78 26.30
C LEU A 274 -31.54 7.87 26.92
N ASP A 275 -32.42 8.62 26.29
CA ASP A 275 -33.78 8.81 26.80
C ASP A 275 -34.74 7.69 26.41
N MET A 276 -34.67 7.25 25.16
CA MET A 276 -35.54 6.18 24.67
C MET A 276 -34.87 5.31 23.61
N ALA A 277 -35.41 4.13 23.37
CA ALA A 277 -34.78 3.18 22.47
C ALA A 277 -35.63 2.77 21.27
N PHE A 278 -34.98 2.64 20.12
CA PHE A 278 -35.54 1.93 18.99
C PHE A 278 -35.06 0.49 19.09
N THR A 279 -36.00 -0.44 19.33
CA THR A 279 -35.67 -1.85 19.31
C THR A 279 -36.30 -2.50 18.07
N PHE A 280 -35.79 -3.66 17.71
CA PHE A 280 -36.18 -4.30 16.45
C PHE A 280 -36.65 -5.73 16.63
N ASP A 281 -36.92 -6.10 17.87
CA ASP A 281 -37.47 -7.41 18.18
C ASP A 281 -38.85 -7.58 17.55
N LEU A 282 -39.64 -6.50 17.55
CA LEU A 282 -40.98 -6.58 16.99
C LEU A 282 -40.97 -6.51 15.47
N ILE A 283 -40.33 -5.49 14.92
CA ILE A 283 -40.39 -5.25 13.49
C ILE A 283 -39.67 -6.33 12.68
N ARG A 284 -38.75 -7.05 13.34
CA ARG A 284 -38.05 -8.16 12.70
C ARG A 284 -38.43 -9.50 13.33
N TYR A 285 -39.59 -9.56 13.98
CA TYR A 285 -39.99 -10.78 14.69
C TYR A 285 -40.25 -11.95 13.74
N ASP A 286 -40.39 -11.66 12.45
CA ASP A 286 -40.65 -12.69 11.46
C ASP A 286 -39.58 -12.71 10.37
N ARG A 287 -38.43 -12.14 10.67
CA ARG A 287 -37.31 -12.14 9.74
C ARG A 287 -36.30 -13.20 10.15
N ALA A 288 -35.77 -13.93 9.17
CA ALA A 288 -34.78 -14.97 9.47
C ALA A 288 -33.44 -14.35 9.79
N LEU A 289 -32.50 -15.17 10.21
CA LEU A 289 -31.19 -14.69 10.66
C LEU A 289 -30.40 -14.06 9.52
N ASP A 290 -30.67 -14.47 8.28
CA ASP A 290 -29.95 -13.92 7.13
C ASP A 290 -30.44 -12.52 6.75
N ARG A 291 -31.48 -12.06 7.44
CA ARG A 291 -32.07 -10.73 7.26
C ARG A 291 -32.80 -10.54 5.93
N TRP A 292 -32.99 -11.62 5.17
CA TRP A 292 -33.80 -11.52 3.94
C TRP A 292 -34.89 -12.59 3.77
N HIS A 293 -34.79 -13.70 4.49
CA HIS A 293 -35.86 -14.68 4.50
C HIS A 293 -36.91 -14.30 5.53
N THR A 294 -38.15 -14.71 5.28
CA THR A 294 -39.25 -14.48 6.21
C THR A 294 -39.63 -15.80 6.89
N ILE A 295 -39.97 -15.72 8.16
CA ILE A 295 -40.43 -16.90 8.91
C ILE A 295 -41.88 -16.67 9.36
N PRO A 296 -42.75 -17.65 9.12
CA PRO A 296 -44.17 -17.55 9.49
C PRO A 296 -44.38 -17.37 10.99
N ARG A 297 -45.13 -16.34 11.38
CA ARG A 297 -45.44 -16.08 12.79
C ARG A 297 -46.93 -15.81 12.98
N THR A 298 -47.38 -15.87 14.22
CA THR A 298 -48.79 -15.59 14.54
C THR A 298 -48.93 -14.31 15.36
N LEU A 299 -50.17 -13.98 15.69
CA LEU A 299 -50.45 -12.84 16.55
C LEU A 299 -49.86 -13.07 17.94
N ALA A 300 -49.88 -14.33 18.36
CA ALA A 300 -49.29 -14.72 19.65
C ALA A 300 -47.84 -14.26 19.74
N ASP A 301 -47.04 -14.63 18.75
CA ASP A 301 -45.64 -14.20 18.68
C ASP A 301 -45.52 -12.68 18.65
N PHE A 302 -46.46 -12.03 17.96
CA PHE A 302 -46.49 -10.58 17.83
C PHE A 302 -46.68 -9.91 19.19
N ARG A 303 -47.70 -10.34 19.92
CA ARG A 303 -48.02 -9.71 21.20
C ARG A 303 -47.05 -10.09 22.32
N GLN A 304 -46.53 -11.30 22.28
CA GLN A 304 -45.58 -11.73 23.30
C GLN A 304 -44.26 -10.96 23.19
N THR A 305 -43.91 -10.57 21.98
CA THR A 305 -42.71 -9.76 21.76
C THR A 305 -42.90 -8.36 22.33
N ILE A 306 -44.06 -7.77 22.06
CA ILE A 306 -44.41 -6.47 22.61
C ILE A 306 -44.38 -6.48 24.13
N ASP A 307 -44.85 -7.58 24.72
CA ASP A 307 -44.81 -7.76 26.16
C ASP A 307 -43.38 -7.71 26.70
N LYS A 308 -42.49 -8.50 26.10
CA LYS A 308 -41.10 -8.57 26.53
C LYS A 308 -40.40 -7.22 26.39
N VAL A 309 -40.80 -6.47 25.37
CA VAL A 309 -40.21 -5.17 25.09
C VAL A 309 -40.73 -4.14 26.10
N ASP A 310 -42.00 -4.25 26.45
CA ASP A 310 -42.58 -3.36 27.45
C ASP A 310 -41.93 -3.56 28.82
N ALA A 311 -41.60 -4.80 29.16
CA ALA A 311 -41.08 -5.14 30.47
C ALA A 311 -39.69 -4.57 30.76
N ILE A 312 -38.89 -4.34 29.71
CA ILE A 312 -37.55 -3.81 29.92
C ILE A 312 -37.54 -2.29 30.10
N ALA A 313 -38.72 -1.67 30.03
CA ALA A 313 -38.84 -0.24 30.29
C ALA A 313 -38.70 0.05 31.78
N GLY A 314 -39.22 -0.85 32.63
CA GLY A 314 -39.17 -0.67 34.06
C GLY A 314 -39.94 0.57 34.49
N GLU A 315 -39.35 1.36 35.39
CA GLU A 315 -39.97 2.60 35.83
C GLU A 315 -39.14 3.81 35.41
N TYR A 316 -37.87 3.56 35.07
CA TYR A 316 -36.95 4.64 34.75
C TYR A 316 -36.57 4.67 33.26
N GLY A 317 -37.11 3.73 32.50
CA GLY A 317 -36.80 3.66 31.07
C GLY A 317 -37.99 3.97 30.19
N TRP A 318 -37.76 4.15 28.89
CA TRP A 318 -38.84 4.49 27.97
C TRP A 318 -38.59 3.91 26.58
N ASN A 319 -39.68 3.45 25.94
CA ASN A 319 -39.61 2.86 24.61
C ASN A 319 -40.21 3.75 23.53
N THR A 320 -39.72 3.61 22.32
CA THR A 320 -40.40 4.14 21.15
C THR A 320 -41.25 3.02 20.60
N PHE A 321 -42.25 3.35 19.78
CA PHE A 321 -43.01 2.31 19.10
C PHE A 321 -43.24 2.65 17.62
N PHE A 322 -43.01 1.66 16.76
CA PHE A 322 -43.12 1.86 15.33
C PHE A 322 -43.37 0.54 14.63
N LEU A 323 -44.15 0.58 13.56
CA LEU A 323 -44.45 -0.61 12.77
C LEU A 323 -43.74 -0.55 11.44
N GLY A 324 -43.07 0.56 11.18
CA GLY A 324 -42.35 0.74 9.93
C GLY A 324 -41.36 1.87 9.96
N ASN A 325 -40.30 1.73 9.17
CA ASN A 325 -39.34 2.79 8.95
C ASN A 325 -38.71 2.70 7.55
N HIS A 326 -37.65 3.46 7.32
CA HIS A 326 -37.02 3.48 5.99
C HIS A 326 -36.26 2.20 5.66
N ASP A 327 -36.17 1.27 6.62
CA ASP A 327 -35.35 0.06 6.44
C ASP A 327 -36.18 -1.21 6.30
N ASN A 328 -37.49 -1.07 6.36
CA ASN A 328 -38.37 -2.24 6.44
C ASN A 328 -39.56 -2.15 5.48
N PRO A 329 -40.20 -3.29 5.18
CA PRO A 329 -41.37 -3.23 4.30
C PRO A 329 -42.52 -2.46 4.93
N ARG A 330 -43.46 -2.01 4.10
CA ARG A 330 -44.60 -1.23 4.54
C ARG A 330 -45.44 -1.96 5.60
N ALA A 331 -45.92 -1.19 6.57
CA ALA A 331 -46.65 -1.74 7.71
C ALA A 331 -47.89 -2.55 7.32
N VAL A 332 -48.72 -1.99 6.46
CA VAL A 332 -49.96 -2.67 6.08
C VAL A 332 -49.67 -3.97 5.33
N SER A 333 -48.57 -3.99 4.56
CA SER A 333 -48.15 -5.20 3.86
C SER A 333 -47.58 -6.24 4.81
N HIS A 334 -46.79 -5.76 5.79
CA HIS A 334 -46.05 -6.63 6.69
C HIS A 334 -46.91 -7.23 7.80
N PHE A 335 -47.68 -6.38 8.47
CA PHE A 335 -48.46 -6.81 9.63
C PHE A 335 -49.96 -6.89 9.36
N GLY A 336 -50.39 -6.39 8.21
CA GLY A 336 -51.82 -6.36 7.89
C GLY A 336 -52.17 -7.21 6.69
N ASP A 337 -53.11 -6.73 5.89
CA ASP A 337 -53.56 -7.41 4.68
C ASP A 337 -53.73 -6.37 3.59
N ASP A 338 -52.77 -6.28 2.67
CA ASP A 338 -52.77 -5.21 1.68
C ASP A 338 -53.62 -5.51 0.44
N ARG A 339 -54.37 -6.62 0.47
CA ARG A 339 -55.34 -6.90 -0.59
C ARG A 339 -56.38 -5.78 -0.62
N PRO A 340 -56.76 -5.33 -1.83
CA PRO A 340 -57.62 -4.15 -2.04
C PRO A 340 -58.92 -4.13 -1.24
N GLN A 341 -59.44 -5.29 -0.84
CA GLN A 341 -60.65 -5.31 -0.03
C GLN A 341 -60.38 -5.32 1.48
N TRP A 342 -59.11 -5.46 1.86
CA TRP A 342 -58.78 -5.49 3.28
C TRP A 342 -57.75 -4.44 3.68
N ARG A 343 -57.21 -3.73 2.70
CA ARG A 343 -56.12 -2.79 2.93
C ARG A 343 -56.48 -1.67 3.90
N GLU A 344 -57.56 -0.97 3.59
CA GLU A 344 -58.01 0.15 4.41
C GLU A 344 -58.35 -0.31 5.82
N ALA A 345 -59.13 -1.38 5.90
CA ALA A 345 -59.56 -1.94 7.17
C ALA A 345 -58.39 -2.34 8.07
N SER A 346 -57.42 -3.06 7.50
CA SER A 346 -56.27 -3.52 8.26
C SER A 346 -55.35 -2.35 8.62
N ALA A 347 -55.21 -1.40 7.71
CA ALA A 347 -54.40 -0.21 7.95
C ALA A 347 -54.93 0.59 9.13
N LYS A 348 -56.26 0.71 9.21
CA LYS A 348 -56.88 1.37 10.33
C LYS A 348 -56.63 0.59 11.61
N ALA A 349 -56.68 -0.73 11.50
CA ALA A 349 -56.44 -1.59 12.66
C ALA A 349 -55.04 -1.40 13.24
N LEU A 350 -54.04 -1.27 12.36
CA LEU A 350 -52.66 -1.11 12.81
C LEU A 350 -52.42 0.29 13.40
N ALA A 351 -53.20 1.25 12.93
CA ALA A 351 -53.16 2.62 13.43
C ALA A 351 -53.61 2.64 14.88
N THR A 352 -54.63 1.85 15.19
CA THR A 352 -55.17 1.75 16.53
C THR A 352 -54.13 1.17 17.49
N VAL A 353 -53.43 0.13 17.03
CA VAL A 353 -52.34 -0.45 17.79
C VAL A 353 -51.25 0.58 18.05
N THR A 354 -50.71 1.14 16.97
CA THR A 354 -49.60 2.08 17.03
C THR A 354 -49.81 3.23 18.02
N LEU A 355 -51.03 3.76 18.05
CA LEU A 355 -51.31 4.96 18.83
C LEU A 355 -51.94 4.66 20.19
N THR A 356 -51.96 3.39 20.58
CA THR A 356 -52.41 3.03 21.92
C THR A 356 -51.38 2.20 22.66
N GLN A 357 -50.19 2.08 22.07
CA GLN A 357 -49.07 1.40 22.72
C GLN A 357 -48.42 2.31 23.76
N ARG A 358 -47.84 1.69 24.79
CA ARG A 358 -47.08 2.41 25.79
C ARG A 358 -45.71 2.76 25.21
N GLY A 359 -45.39 4.06 25.19
CA GLY A 359 -44.17 4.52 24.57
C GLY A 359 -44.42 5.67 23.62
N THR A 360 -43.37 6.13 22.95
CA THR A 360 -43.49 7.23 22.00
C THR A 360 -43.64 6.69 20.57
N PRO A 361 -44.82 6.88 19.97
CA PRO A 361 -45.10 6.33 18.65
C PRO A 361 -44.39 7.10 17.53
N PHE A 362 -43.87 6.34 16.57
CA PHE A 362 -43.32 6.93 15.36
C PHE A 362 -44.15 6.47 14.15
N ILE A 363 -44.63 7.43 13.38
CA ILE A 363 -45.40 7.12 12.18
C ILE A 363 -44.53 7.39 10.95
N PHE A 364 -44.35 6.37 10.11
CA PHE A 364 -43.52 6.52 8.92
C PHE A 364 -44.33 7.12 7.78
N GLN A 365 -43.72 8.03 7.04
CA GLN A 365 -44.40 8.76 5.97
C GLN A 365 -45.13 7.83 4.98
N GLY A 366 -46.42 8.08 4.79
CA GLY A 366 -47.22 7.30 3.87
C GLY A 366 -48.12 6.30 4.56
N ASP A 367 -47.77 5.91 5.78
CA ASP A 367 -48.57 4.90 6.48
C ASP A 367 -49.93 5.44 6.89
N GLU A 368 -50.01 6.75 7.11
CA GLU A 368 -51.29 7.38 7.43
C GLU A 368 -52.22 7.38 6.21
N LEU A 369 -51.65 7.13 5.03
CA LEU A 369 -52.44 6.99 3.80
C LEU A 369 -52.74 5.53 3.51
N GLY A 370 -52.03 4.64 4.18
CA GLY A 370 -52.14 3.21 3.91
C GLY A 370 -51.40 2.80 2.65
N MET A 371 -50.24 3.41 2.41
CA MET A 371 -49.37 3.03 1.28
C MET A 371 -48.86 1.59 1.46
N THR A 372 -48.55 0.92 0.34
CA THR A 372 -48.23 -0.50 0.38
C THR A 372 -46.83 -0.83 -0.16
N ASN A 373 -46.47 -2.10 -0.08
CA ASN A 373 -45.25 -2.58 -0.71
C ASN A 373 -45.28 -2.33 -2.22
N TYR A 374 -44.11 -2.27 -2.82
CA TYR A 374 -44.01 -2.04 -4.25
C TYR A 374 -44.00 -3.36 -5.02
N PRO A 375 -44.69 -3.40 -6.17
CA PRO A 375 -44.67 -4.57 -7.05
C PRO A 375 -43.41 -4.60 -7.92
N PHE A 376 -42.32 -5.12 -7.38
CA PHE A 376 -41.05 -5.16 -8.11
C PHE A 376 -41.14 -6.07 -9.32
N LYS A 377 -40.53 -5.64 -10.43
CA LYS A 377 -40.61 -6.39 -11.67
C LYS A 377 -39.26 -6.44 -12.39
N THR A 378 -38.33 -5.59 -11.98
CA THR A 378 -37.01 -5.53 -12.60
C THR A 378 -35.89 -5.65 -11.58
N LEU A 379 -34.67 -5.81 -12.08
CA LEU A 379 -33.49 -5.82 -11.22
C LEU A 379 -33.35 -4.44 -10.60
N GLN A 380 -33.48 -3.42 -11.44
CA GLN A 380 -33.32 -2.01 -11.06
C GLN A 380 -34.19 -1.59 -9.88
N ASP A 381 -35.41 -2.11 -9.81
CA ASP A 381 -36.33 -1.79 -8.71
C ASP A 381 -35.73 -2.10 -7.34
N PHE A 382 -34.90 -3.14 -7.28
CA PHE A 382 -34.31 -3.58 -6.01
C PHE A 382 -33.05 -2.81 -5.63
N ASP A 383 -32.59 -1.92 -6.52
CA ASP A 383 -31.28 -1.28 -6.37
C ASP A 383 -31.07 -0.62 -5.01
N ASP A 384 -30.19 -1.22 -4.23
CA ASP A 384 -29.88 -0.79 -2.88
C ASP A 384 -28.56 -1.44 -2.51
N ILE A 385 -27.80 -0.79 -1.64
CA ILE A 385 -26.49 -1.31 -1.25
C ILE A 385 -26.60 -2.64 -0.50
N GLU A 386 -27.64 -2.79 0.32
CA GLU A 386 -27.83 -4.00 1.11
C GLU A 386 -28.15 -5.21 0.22
N VAL A 387 -28.89 -4.97 -0.85
CA VAL A 387 -29.23 -6.02 -1.80
C VAL A 387 -28.02 -6.40 -2.64
N LYS A 388 -27.15 -5.42 -2.91
CA LYS A 388 -25.90 -5.70 -3.59
C LYS A 388 -25.09 -6.69 -2.77
N GLY A 389 -25.05 -6.45 -1.47
CA GLY A 389 -24.36 -7.32 -0.53
C GLY A 389 -24.96 -8.71 -0.47
N PHE A 390 -26.29 -8.80 -0.53
CA PHE A 390 -26.98 -10.08 -0.56
C PHE A 390 -26.56 -10.90 -1.78
N PHE A 391 -26.40 -10.22 -2.92
CA PHE A 391 -25.93 -10.87 -4.13
C PHE A 391 -24.50 -11.39 -3.95
N GLN A 392 -23.65 -10.55 -3.38
CA GLN A 392 -22.26 -10.90 -3.14
C GLN A 392 -22.15 -12.12 -2.23
N ASP A 393 -22.97 -12.18 -1.20
CA ASP A 393 -22.86 -13.24 -0.19
C ASP A 393 -23.67 -14.51 -0.48
N TYR A 394 -24.69 -14.41 -1.33
CA TYR A 394 -25.61 -15.53 -1.48
C TYR A 394 -25.78 -16.03 -2.91
N VAL A 395 -25.59 -15.13 -3.88
CA VAL A 395 -25.79 -15.47 -5.29
C VAL A 395 -24.48 -15.83 -5.98
N GLU A 396 -23.50 -14.94 -5.89
CA GLU A 396 -22.17 -15.17 -6.45
C GLU A 396 -21.48 -16.38 -5.81
N THR A 397 -21.91 -16.73 -4.60
CA THR A 397 -21.33 -17.86 -3.88
C THR A 397 -22.10 -19.15 -4.12
N GLY A 398 -23.16 -19.06 -4.91
CA GLY A 398 -23.96 -20.23 -5.26
C GLY A 398 -24.94 -20.70 -4.19
N LYS A 399 -25.00 -20.02 -3.05
CA LYS A 399 -25.88 -20.44 -1.97
C LYS A 399 -27.36 -20.31 -2.36
N ALA A 400 -27.65 -19.43 -3.32
CA ALA A 400 -29.02 -19.20 -3.78
C ALA A 400 -29.00 -18.59 -5.17
N THR A 401 -30.08 -18.82 -5.92
CA THR A 401 -30.23 -18.22 -7.24
C THR A 401 -30.76 -16.79 -7.12
N ALA A 402 -30.56 -15.99 -8.16
CA ALA A 402 -31.06 -14.63 -8.18
C ALA A 402 -32.58 -14.57 -7.96
N GLU A 403 -33.30 -15.50 -8.57
CA GLU A 403 -34.76 -15.54 -8.47
C GLU A 403 -35.21 -15.85 -7.04
N GLU A 404 -34.48 -16.73 -6.37
CA GLU A 404 -34.75 -17.02 -4.96
C GLU A 404 -34.55 -15.77 -4.10
N LEU A 405 -33.48 -15.03 -4.36
CA LEU A 405 -33.19 -13.82 -3.62
C LEU A 405 -34.30 -12.78 -3.83
N LEU A 406 -34.62 -12.51 -5.08
CA LEU A 406 -35.61 -11.48 -5.42
C LEU A 406 -37.03 -11.82 -4.98
N THR A 407 -37.36 -13.11 -5.00
CA THR A 407 -38.65 -13.57 -4.47
C THR A 407 -38.83 -13.16 -3.02
N ASN A 408 -37.81 -13.40 -2.21
CA ASN A 408 -37.88 -13.09 -0.79
C ASN A 408 -37.68 -11.61 -0.49
N VAL A 409 -36.69 -11.02 -1.16
CA VAL A 409 -36.38 -9.60 -0.97
C VAL A 409 -37.56 -8.71 -1.40
N ALA A 410 -38.37 -9.19 -2.34
CA ALA A 410 -39.58 -8.45 -2.76
C ALA A 410 -40.47 -8.14 -1.55
N LEU A 411 -40.45 -9.03 -0.57
CA LEU A 411 -41.25 -8.88 0.63
C LEU A 411 -40.52 -8.10 1.73
N THR A 412 -39.19 -7.97 1.61
CA THR A 412 -38.40 -7.39 2.69
C THR A 412 -37.57 -6.17 2.28
N SER A 413 -37.47 -5.92 0.97
CA SER A 413 -36.66 -4.82 0.44
C SER A 413 -36.92 -3.47 1.12
N ARG A 414 -35.83 -2.73 1.37
CA ARG A 414 -35.92 -1.41 1.98
C ARG A 414 -36.58 -0.43 1.03
N ASN A 415 -36.51 -0.72 -0.27
CA ASN A 415 -37.10 0.15 -1.27
C ASN A 415 -38.63 0.16 -1.19
N ASN A 416 -39.19 -0.83 -0.50
CA ASN A 416 -40.63 -0.86 -0.26
C ASN A 416 -41.12 0.37 0.49
N ALA A 417 -40.25 0.95 1.31
CA ALA A 417 -40.63 2.10 2.14
C ALA A 417 -40.12 3.41 1.55
N ARG A 418 -39.36 3.32 0.47
CA ARG A 418 -38.67 4.49 -0.06
C ARG A 418 -39.25 4.99 -1.38
N THR A 419 -40.38 4.42 -1.80
CA THR A 419 -41.05 4.91 -2.99
C THR A 419 -41.68 6.26 -2.65
N PRO A 420 -41.69 7.19 -3.61
CA PRO A 420 -42.13 8.57 -3.40
C PRO A 420 -43.48 8.69 -2.71
N PHE A 421 -43.59 9.64 -1.78
CA PHE A 421 -44.85 9.90 -1.09
C PHE A 421 -45.90 10.24 -2.13
N GLN A 422 -47.10 9.71 -1.93
CA GLN A 422 -48.19 9.91 -2.89
C GLN A 422 -49.11 11.05 -2.47
N TRP A 423 -48.88 12.23 -3.03
CA TRP A 423 -49.60 13.43 -2.63
C TRP A 423 -50.98 13.57 -3.28
N ASP A 424 -51.05 13.33 -4.58
CA ASP A 424 -52.31 13.34 -5.31
C ASP A 424 -52.33 12.30 -6.42
N ASP A 425 -53.17 12.51 -7.44
CA ASP A 425 -53.21 11.59 -8.57
C ASP A 425 -52.72 12.22 -9.87
N SER A 426 -51.94 13.28 -9.74
CA SER A 426 -51.25 13.85 -10.91
C SER A 426 -50.03 13.01 -11.23
N ALA A 427 -49.24 13.45 -12.21
CA ALA A 427 -48.06 12.72 -12.65
C ALA A 427 -47.11 12.42 -11.48
N ASN A 428 -46.74 11.14 -11.36
CA ASN A 428 -45.90 10.68 -10.25
C ASN A 428 -46.42 11.07 -8.87
N ALA A 429 -47.75 11.04 -8.75
CA ALA A 429 -48.44 11.31 -7.50
C ALA A 429 -48.12 12.68 -6.89
N GLY A 430 -47.70 13.61 -7.73
CA GLY A 430 -47.44 14.97 -7.29
C GLY A 430 -46.14 15.14 -6.53
N PHE A 431 -45.37 14.07 -6.44
CA PHE A 431 -44.08 14.11 -5.75
C PHE A 431 -43.08 14.98 -6.51
N THR A 432 -43.04 14.82 -7.83
CA THR A 432 -42.08 15.55 -8.65
C THR A 432 -42.62 15.86 -10.04
N THR A 433 -42.08 16.91 -10.65
CA THR A 433 -42.44 17.27 -12.01
C THR A 433 -41.48 16.64 -13.02
N GLY A 434 -40.50 15.91 -12.51
CA GLY A 434 -39.54 15.23 -13.36
C GLY A 434 -39.62 13.72 -13.23
N LYS A 435 -38.47 13.06 -13.30
CA LYS A 435 -38.41 11.61 -13.14
C LYS A 435 -37.91 11.26 -11.75
N PRO A 436 -38.77 10.65 -10.92
CA PRO A 436 -38.44 10.34 -9.53
C PRO A 436 -37.28 9.36 -9.43
N TRP A 437 -36.44 9.52 -8.40
CA TRP A 437 -35.27 8.67 -8.22
C TRP A 437 -35.64 7.20 -8.06
N LEU A 438 -36.87 6.97 -7.62
CA LEU A 438 -37.42 5.64 -7.51
C LEU A 438 -38.87 5.71 -8.03
N LYS A 439 -39.33 4.64 -8.66
CA LYS A 439 -40.67 4.64 -9.27
C LYS A 439 -41.79 4.78 -8.25
N VAL A 440 -42.80 5.57 -8.59
CA VAL A 440 -43.99 5.71 -7.76
C VAL A 440 -44.85 4.47 -7.86
N ASN A 441 -45.34 3.97 -6.73
CA ASN A 441 -46.28 2.85 -6.73
C ASN A 441 -47.50 3.18 -7.59
N PRO A 442 -47.83 2.30 -8.54
CA PRO A 442 -48.96 2.47 -9.45
C PRO A 442 -50.30 2.65 -8.75
N ASN A 443 -50.40 2.22 -7.50
CA ASN A 443 -51.67 2.34 -6.78
C ASN A 443 -51.93 3.76 -6.25
N TYR A 444 -51.17 4.72 -6.76
CA TYR A 444 -51.30 6.11 -6.29
C TYR A 444 -52.63 6.72 -6.74
N THR A 445 -53.19 6.13 -7.79
CA THR A 445 -54.48 6.56 -8.34
C THR A 445 -55.57 6.40 -7.30
N GLU A 446 -55.44 5.36 -6.48
CA GLU A 446 -56.38 5.09 -5.41
C GLU A 446 -55.84 5.53 -4.03
N ILE A 447 -54.52 5.51 -3.88
CA ILE A 447 -53.90 5.85 -2.60
C ILE A 447 -53.11 7.15 -2.68
N ASN A 448 -53.74 8.26 -2.32
CA ASN A 448 -53.06 9.54 -2.29
C ASN A 448 -53.64 10.50 -1.26
N ALA A 449 -52.80 11.42 -0.78
CA ALA A 449 -53.14 12.31 0.32
C ALA A 449 -54.38 13.17 0.03
N ALA A 450 -54.39 13.79 -1.15
CA ALA A 450 -55.48 14.66 -1.55
C ALA A 450 -56.86 14.01 -1.42
N ARG A 451 -56.98 12.76 -1.85
CA ARG A 451 -58.25 12.05 -1.75
C ARG A 451 -58.56 11.64 -0.31
N GLU A 452 -57.53 11.26 0.44
CA GLU A 452 -57.71 10.83 1.82
C GLU A 452 -58.17 11.98 2.72
N ILE A 453 -57.64 13.17 2.46
CA ILE A 453 -57.90 14.33 3.31
C ILE A 453 -59.36 14.78 3.26
N GLY A 454 -59.98 14.62 2.10
CA GLY A 454 -61.36 15.03 1.93
C GLY A 454 -62.40 13.97 2.26
N ASP A 455 -61.94 12.84 2.81
CA ASP A 455 -62.84 11.73 3.10
C ASP A 455 -62.80 11.35 4.58
N PRO A 456 -63.90 11.60 5.31
CA PRO A 456 -64.03 11.29 6.73
C PRO A 456 -63.91 9.81 7.05
N LYS A 457 -64.04 8.95 6.05
CA LYS A 457 -63.92 7.51 6.26
C LYS A 457 -62.55 6.98 5.84
N SER A 458 -61.65 7.88 5.44
CA SER A 458 -60.33 7.47 4.95
C SER A 458 -59.39 7.01 6.06
N VAL A 459 -58.26 6.44 5.66
CA VAL A 459 -57.24 6.00 6.61
C VAL A 459 -56.62 7.22 7.30
N TYR A 460 -56.36 8.26 6.52
CA TYR A 460 -55.82 9.52 7.05
C TYR A 460 -56.69 10.11 8.15
N SER A 461 -58.00 10.14 7.91
CA SER A 461 -58.94 10.71 8.88
C SER A 461 -58.95 9.87 10.16
N PHE A 462 -58.78 8.57 10.02
CA PHE A 462 -58.79 7.68 11.18
C PHE A 462 -57.54 7.88 12.05
N TYR A 463 -56.39 8.02 11.40
CA TYR A 463 -55.13 8.33 12.08
C TYR A 463 -55.27 9.66 12.82
N ARG A 464 -55.77 10.66 12.12
CA ARG A 464 -55.92 12.01 12.67
C ARG A 464 -56.84 11.99 13.89
N ASN A 465 -57.93 11.22 13.81
CA ASN A 465 -58.84 11.07 14.95
C ASN A 465 -58.16 10.39 16.13
N LEU A 466 -57.35 9.37 15.86
CA LEU A 466 -56.65 8.63 16.90
C LEU A 466 -55.60 9.49 17.60
N ILE A 467 -54.94 10.34 16.82
CA ILE A 467 -53.91 11.22 17.37
C ILE A 467 -54.52 12.22 18.34
N SER A 468 -55.69 12.74 18.00
CA SER A 468 -56.44 13.63 18.89
C SER A 468 -56.83 12.94 20.20
N ILE A 469 -57.25 11.67 20.10
CA ILE A 469 -57.70 10.92 21.27
C ILE A 469 -56.56 10.61 22.23
N ARG A 470 -55.39 10.28 21.67
CA ARG A 470 -54.22 10.00 22.48
CA ARG A 470 -54.21 9.99 22.49
C ARG A 470 -53.77 11.25 23.23
N HIS A 471 -53.82 12.39 22.53
CA HIS A 471 -53.39 13.66 23.11
C HIS A 471 -54.27 14.12 24.27
N GLU A 472 -55.53 13.68 24.27
CA GLU A 472 -56.47 14.06 25.32
C GLU A 472 -56.68 12.95 26.34
N THR A 473 -55.92 11.87 26.21
CA THR A 473 -56.00 10.74 27.12
C THR A 473 -54.62 10.30 27.59
N PRO A 474 -54.17 10.82 28.74
CA PRO A 474 -52.85 10.55 29.32
C PRO A 474 -52.56 9.07 29.53
N ALA A 475 -53.60 8.28 29.77
CA ALA A 475 -53.44 6.84 29.99
C ALA A 475 -52.95 6.14 28.72
N LEU A 476 -53.27 6.72 27.58
CA LEU A 476 -52.93 6.13 26.29
C LEU A 476 -51.50 6.45 25.89
N SER A 477 -50.84 7.32 26.65
CA SER A 477 -49.44 7.62 26.40
C SER A 477 -48.55 7.10 27.53
N THR A 478 -48.72 7.66 28.72
CA THR A 478 -47.85 7.34 29.85
C THR A 478 -48.43 6.25 30.76
N GLY A 479 -49.65 5.81 30.45
CA GLY A 479 -50.28 4.78 31.25
C GLY A 479 -49.58 3.43 31.19
N SER A 480 -49.89 2.56 32.14
CA SER A 480 -49.29 1.24 32.18
C SER A 480 -49.86 0.34 31.09
N TYR A 481 -49.18 -0.78 30.82
CA TYR A 481 -49.60 -1.71 29.78
C TYR A 481 -49.87 -3.09 30.35
N ARG A 482 -50.94 -3.71 29.91
CA ARG A 482 -51.29 -5.06 30.34
C ARG A 482 -52.00 -5.84 29.23
N ASP A 483 -51.37 -6.91 28.79
CA ASP A 483 -51.96 -7.82 27.80
C ASP A 483 -52.92 -8.76 28.50
N ILE A 484 -54.16 -8.78 28.03
CA ILE A 484 -55.21 -9.60 28.63
C ILE A 484 -54.99 -11.10 28.38
N ASP A 485 -54.54 -11.45 27.17
CA ASP A 485 -54.35 -12.85 26.81
C ASP A 485 -53.19 -13.05 25.84
N PRO A 486 -51.97 -13.20 26.36
CA PRO A 486 -50.76 -13.37 25.54
C PRO A 486 -50.79 -14.58 24.60
N SER A 487 -51.67 -15.55 24.88
CA SER A 487 -51.70 -16.77 24.07
C SER A 487 -52.73 -16.71 22.93
N ASN A 488 -53.57 -15.67 22.95
CA ASN A 488 -54.60 -15.51 21.93
C ASN A 488 -53.99 -15.10 20.58
N ALA A 489 -54.40 -15.78 19.52
CA ALA A 489 -53.85 -15.54 18.20
C ALA A 489 -54.88 -14.97 17.22
N ASP A 490 -56.08 -14.70 17.73
CA ASP A 490 -57.14 -14.13 16.91
C ASP A 490 -57.32 -12.64 17.16
N VAL A 491 -57.51 -12.29 18.43
CA VAL A 491 -57.84 -10.91 18.79
C VAL A 491 -56.84 -10.31 19.77
N TYR A 492 -56.25 -9.19 19.40
CA TYR A 492 -55.29 -8.50 20.26
C TYR A 492 -56.04 -7.57 21.21
N ALA A 493 -55.89 -7.83 22.51
CA ALA A 493 -56.55 -6.99 23.52
C ALA A 493 -55.64 -6.67 24.70
N TYR A 494 -55.68 -5.41 25.13
CA TYR A 494 -54.85 -4.94 26.24
C TYR A 494 -55.44 -3.69 26.88
N THR A 495 -54.99 -3.38 28.09
CA THR A 495 -55.49 -2.21 28.80
C THR A 495 -54.40 -1.18 29.04
N ARG A 496 -54.83 0.08 29.15
CA ARG A 496 -53.95 1.18 29.49
C ARG A 496 -54.55 1.89 30.72
N SER A 497 -53.74 2.02 31.77
CA SER A 497 -54.22 2.58 33.03
C SER A 497 -53.33 3.69 33.58
N GLN A 498 -53.97 4.74 34.06
CA GLN A 498 -53.28 5.81 34.77
C GLN A 498 -54.24 6.57 35.69
N ASP A 499 -53.84 6.70 36.95
CA ASP A 499 -54.60 7.49 37.93
C ASP A 499 -56.07 7.09 38.07
N GLY A 500 -56.34 5.80 38.17
CA GLY A 500 -57.69 5.32 38.40
C GLY A 500 -58.49 5.14 37.12
N GLU A 501 -58.00 5.71 36.03
CA GLU A 501 -58.65 5.58 34.74
C GLU A 501 -58.09 4.38 33.97
N THR A 502 -58.97 3.56 33.41
CA THR A 502 -58.54 2.39 32.64
C THR A 502 -59.23 2.33 31.28
N TYR A 503 -58.45 2.11 30.22
CA TYR A 503 -59.00 2.01 28.88
C TYR A 503 -58.70 0.65 28.27
N LEU A 504 -59.60 0.20 27.40
CA LEU A 504 -59.49 -1.11 26.76
C LEU A 504 -59.33 -0.97 25.26
N VAL A 505 -58.39 -1.72 24.70
CA VAL A 505 -58.16 -1.73 23.27
C VAL A 505 -58.39 -3.14 22.73
N VAL A 506 -59.23 -3.25 21.71
CA VAL A 506 -59.52 -4.55 21.11
C VAL A 506 -59.39 -4.51 19.59
N VAL A 507 -58.53 -5.37 19.05
CA VAL A 507 -58.25 -5.38 17.63
C VAL A 507 -58.26 -6.79 17.03
N ASN A 508 -59.20 -7.03 16.12
CA ASN A 508 -59.31 -8.32 15.45
C ASN A 508 -58.32 -8.42 14.29
N PHE A 509 -57.38 -9.37 14.39
CA PHE A 509 -56.37 -9.53 13.34
C PHE A 509 -56.79 -10.54 12.27
N LYS A 510 -57.95 -11.17 12.45
CA LYS A 510 -58.45 -12.12 11.48
C LYS A 510 -59.40 -11.44 10.49
N ALA A 511 -59.43 -11.92 9.25
CA ALA A 511 -60.37 -11.41 8.26
C ALA A 511 -61.70 -12.14 8.40
N GLU A 512 -62.09 -12.38 9.65
CA GLU A 512 -63.22 -13.21 9.97
C GLU A 512 -63.83 -12.67 11.27
N PRO A 513 -65.15 -12.81 11.43
CA PRO A 513 -65.80 -12.36 12.66
C PRO A 513 -65.32 -13.14 13.87
N ARG A 514 -65.03 -12.45 14.97
CA ARG A 514 -64.55 -13.08 16.18
C ARG A 514 -65.27 -12.52 17.40
N SER A 515 -65.08 -13.17 18.55
CA SER A 515 -65.67 -12.70 19.81
C SER A 515 -64.60 -12.44 20.85
N PHE A 516 -64.85 -11.46 21.71
CA PHE A 516 -63.96 -11.17 22.82
C PHE A 516 -64.72 -11.07 24.13
N THR A 517 -64.24 -11.76 25.16
CA THR A 517 -64.83 -11.70 26.48
C THR A 517 -63.93 -10.94 27.43
N LEU A 518 -64.48 -9.91 28.07
CA LEU A 518 -63.73 -9.09 29.02
C LEU A 518 -63.39 -9.91 30.27
N PRO A 519 -62.33 -9.49 31.00
CA PRO A 519 -62.00 -10.11 32.29
C PRO A 519 -63.19 -10.09 33.26
N ASP A 520 -63.23 -11.04 34.17
CA ASP A 520 -64.32 -11.10 35.14
C ASP A 520 -64.33 -9.86 36.03
N GLY A 521 -65.38 -9.05 35.88
CA GLY A 521 -65.54 -7.86 36.69
C GLY A 521 -65.29 -6.57 35.94
N MET A 522 -65.08 -6.69 34.63
CA MET A 522 -64.83 -5.51 33.80
C MET A 522 -65.99 -5.28 32.83
N HIS A 523 -66.36 -4.01 32.65
CA HIS A 523 -67.47 -3.65 31.78
C HIS A 523 -67.16 -2.37 30.99
N ILE A 524 -67.73 -2.27 29.81
CA ILE A 524 -67.55 -1.10 28.96
C ILE A 524 -68.36 0.09 29.48
N ALA A 525 -67.71 1.24 29.63
CA ALA A 525 -68.38 2.45 30.08
C ALA A 525 -68.74 3.32 28.88
N GLU A 526 -67.77 3.52 28.01
CA GLU A 526 -67.94 4.40 26.86
C GLU A 526 -67.12 3.88 25.69
N THR A 527 -67.49 4.29 24.48
CA THR A 527 -66.74 3.92 23.29
C THR A 527 -66.10 5.17 22.71
N LEU A 528 -64.77 5.19 22.64
CA LEU A 528 -64.04 6.36 22.16
C LEU A 528 -63.96 6.39 20.64
N ILE A 529 -63.64 5.24 20.04
CA ILE A 529 -63.56 5.14 18.59
C ILE A 529 -63.54 3.68 18.15
N GLU A 530 -64.02 3.42 16.94
CA GLU A 530 -63.96 2.09 16.34
C GLU A 530 -63.70 2.20 14.84
N SER A 531 -63.09 1.16 14.27
CA SER A 531 -63.01 1.04 12.82
C SER A 531 -63.66 -0.26 12.36
N SER A 532 -64.30 -0.22 11.20
CA SER A 532 -64.99 -1.37 10.64
C SER A 532 -66.05 -1.97 11.57
N SER A 533 -66.66 -1.13 12.40
CA SER A 533 -67.72 -1.58 13.29
C SER A 533 -69.06 -0.96 12.91
N PRO A 534 -70.11 -1.78 12.83
CA PRO A 534 -71.47 -1.30 12.51
C PRO A 534 -72.12 -0.62 13.70
N ALA A 535 -71.79 -1.04 14.92
CA ALA A 535 -72.39 -0.45 16.11
C ALA A 535 -71.50 -0.61 17.34
N ALA A 536 -71.38 0.46 18.12
CA ALA A 536 -70.64 0.43 19.37
C ALA A 536 -71.36 -0.49 20.35
N PRO A 537 -70.60 -1.11 21.27
CA PRO A 537 -71.25 -1.96 22.28
C PRO A 537 -72.14 -1.13 23.19
N ALA A 538 -73.16 -1.77 23.77
CA ALA A 538 -74.00 -1.12 24.75
C ALA A 538 -73.20 -0.87 26.03
N ALA A 539 -73.56 0.19 26.75
CA ALA A 539 -72.92 0.50 28.02
C ALA A 539 -73.14 -0.61 29.05
N GLY A 540 -72.05 -1.16 29.57
CA GLY A 540 -72.15 -2.22 30.56
C GLY A 540 -71.88 -3.59 29.99
N ALA A 541 -71.52 -3.63 28.71
CA ALA A 541 -71.26 -4.89 28.02
C ALA A 541 -70.09 -5.64 28.64
N ALA A 542 -70.19 -6.97 28.66
CA ALA A 542 -69.15 -7.83 29.20
C ALA A 542 -68.42 -8.55 28.09
N SER A 543 -68.82 -8.28 26.85
CA SER A 543 -68.21 -8.91 25.70
C SER A 543 -68.45 -8.10 24.43
N LEU A 544 -67.70 -8.43 23.39
CA LEU A 544 -67.81 -7.71 22.12
C LEU A 544 -68.03 -8.67 20.96
N GLU A 545 -68.80 -8.21 19.98
CA GLU A 545 -68.96 -8.92 18.72
C GLU A 545 -68.17 -8.19 17.65
N LEU A 546 -67.09 -8.81 17.19
CA LEU A 546 -66.12 -8.13 16.32
C LEU A 546 -66.23 -8.50 14.85
N GLN A 547 -66.28 -7.48 14.00
CA GLN A 547 -66.24 -7.67 12.56
C GLN A 547 -64.83 -7.99 12.11
N PRO A 548 -64.66 -8.48 10.86
CA PRO A 548 -63.32 -8.69 10.32
C PRO A 548 -62.45 -7.44 10.39
N TRP A 549 -61.25 -7.58 10.97
CA TRP A 549 -60.30 -6.47 11.11
C TRP A 549 -60.86 -5.25 11.86
N GLN A 550 -61.80 -5.49 12.77
CA GLN A 550 -62.37 -4.41 13.58
C GLN A 550 -61.41 -4.01 14.70
N SER A 551 -61.24 -2.71 14.90
CA SER A 551 -60.46 -2.20 16.02
C SER A 551 -61.27 -1.17 16.80
N GLY A 552 -60.95 -1.01 18.09
CA GLY A 552 -61.64 -0.03 18.91
C GLY A 552 -60.93 0.32 20.21
N ILE A 553 -61.29 1.46 20.78
CA ILE A 553 -60.80 1.90 22.08
C ILE A 553 -61.98 2.20 22.99
N TYR A 554 -61.95 1.67 24.22
CA TYR A 554 -63.06 1.83 25.16
C TYR A 554 -62.60 2.22 26.55
N LYS A 555 -63.36 3.10 27.21
CA LYS A 555 -63.16 3.37 28.62
C LYS A 555 -63.96 2.33 29.41
N VAL A 556 -63.33 1.72 30.41
CA VAL A 556 -63.97 0.63 31.15
C VAL A 556 -64.18 0.93 32.63
N LYS A 557 -65.09 0.16 33.24
CA LYS A 557 -65.38 0.27 34.66
C LYS A 557 -64.70 -0.87 35.41
N LYS B 1 64.16 10.44 -6.62
CA LYS B 1 64.72 10.70 -7.93
C LYS B 1 64.53 12.16 -8.37
N PRO B 2 63.34 12.75 -8.15
CA PRO B 2 62.04 12.44 -7.52
C PRO B 2 61.39 11.17 -8.09
N GLY B 3 61.15 10.18 -7.25
CA GLY B 3 60.54 8.92 -7.66
C GLY B 3 59.02 8.89 -7.72
N ALA B 4 58.53 7.96 -8.52
CA ALA B 4 57.10 7.74 -8.63
C ALA B 4 56.56 7.02 -7.40
N PRO B 5 55.31 7.30 -7.04
CA PRO B 5 54.64 6.59 -5.95
C PRO B 5 54.62 5.09 -6.25
N TRP B 6 54.60 4.27 -5.20
CA TRP B 6 54.66 2.81 -5.35
C TRP B 6 53.52 2.25 -6.19
N TRP B 7 52.36 2.92 -6.14
CA TRP B 7 51.19 2.45 -6.86
C TRP B 7 51.24 2.74 -8.37
N LYS B 8 52.21 3.55 -8.79
CA LYS B 8 52.34 3.84 -10.20
C LYS B 8 53.06 2.73 -10.95
N SER B 9 53.86 1.96 -10.24
N SER B 9 53.87 1.95 -10.24
CA SER B 9 54.62 0.86 -10.85
CA SER B 9 54.62 0.86 -10.85
C SER B 9 54.23 -0.50 -10.28
C SER B 9 54.25 -0.48 -10.24
N ALA B 10 53.11 -0.53 -9.56
CA ALA B 10 52.64 -1.78 -8.96
C ALA B 10 51.65 -2.51 -9.88
N VAL B 11 51.60 -3.83 -9.74
CA VAL B 11 50.64 -4.65 -10.49
C VAL B 11 49.59 -5.22 -9.55
N PHE B 12 48.33 -4.85 -9.79
CA PHE B 12 47.23 -5.25 -8.92
C PHE B 12 46.48 -6.47 -9.43
N TYR B 13 45.93 -7.23 -8.50
CA TYR B 13 45.15 -8.41 -8.80
C TYR B 13 43.82 -8.28 -8.06
N GLN B 14 42.72 -8.35 -8.80
CA GLN B 14 41.41 -8.25 -8.17
C GLN B 14 40.86 -9.62 -7.79
N VAL B 15 40.57 -9.78 -6.49
CA VAL B 15 39.96 -11.01 -5.99
C VAL B 15 38.52 -10.78 -5.59
N TYR B 16 37.62 -11.58 -6.15
CA TYR B 16 36.21 -11.58 -5.79
C TYR B 16 36.04 -12.74 -4.82
N PRO B 17 36.15 -12.46 -3.51
CA PRO B 17 36.33 -13.51 -2.48
C PRO B 17 35.24 -14.60 -2.52
N ARG B 18 34.02 -14.20 -2.85
CA ARG B 18 32.90 -15.10 -2.98
C ARG B 18 33.17 -16.26 -3.96
N SER B 19 34.00 -15.99 -4.98
CA SER B 19 34.27 -17.00 -6.00
C SER B 19 35.75 -17.36 -6.15
N PHE B 20 36.54 -17.12 -5.12
CA PHE B 20 37.98 -17.39 -5.20
C PHE B 20 38.35 -18.73 -4.59
N LYS B 21 38.07 -18.92 -3.29
CA LYS B 21 38.43 -20.17 -2.62
C LYS B 21 37.62 -20.46 -1.37
N ASP B 22 36.88 -21.57 -1.41
CA ASP B 22 36.06 -22.02 -0.29
C ASP B 22 36.85 -23.03 0.54
N THR B 23 36.71 -22.96 1.86
CA THR B 23 37.45 -23.85 2.75
C THR B 23 36.57 -24.61 3.73
N ASN B 24 35.26 -24.36 3.69
CA ASN B 24 34.35 -25.08 4.59
C ASN B 24 33.14 -25.69 3.88
N GLY B 25 33.24 -25.83 2.57
CA GLY B 25 32.25 -26.55 1.79
C GLY B 25 30.83 -26.01 1.72
N ASP B 26 30.68 -24.71 1.93
CA ASP B 26 29.36 -24.07 1.82
C ASP B 26 29.12 -23.53 0.42
N GLY B 27 30.13 -23.64 -0.43
CA GLY B 27 30.01 -23.20 -1.81
C GLY B 27 30.37 -21.74 -2.01
N ILE B 28 30.76 -21.08 -0.91
CA ILE B 28 31.13 -19.68 -0.97
C ILE B 28 32.59 -19.50 -0.56
N GLY B 29 33.34 -18.76 -1.37
CA GLY B 29 34.73 -18.47 -1.04
C GLY B 29 34.82 -17.64 0.22
N ASP B 30 35.97 -17.69 0.88
CA ASP B 30 36.11 -17.01 2.17
C ASP B 30 37.53 -16.46 2.37
N PHE B 31 37.73 -15.77 3.50
CA PHE B 31 39.03 -15.18 3.81
C PHE B 31 40.09 -16.26 4.00
N LYS B 32 39.68 -17.38 4.59
CA LYS B 32 40.59 -18.50 4.82
C LYS B 32 41.05 -19.11 3.50
N GLY B 33 40.20 -19.04 2.48
CA GLY B 33 40.57 -19.50 1.16
C GLY B 33 41.60 -18.58 0.53
N LEU B 34 41.36 -17.27 0.64
CA LEU B 34 42.26 -16.27 0.08
C LEU B 34 43.65 -16.34 0.72
N THR B 35 43.68 -16.53 2.04
CA THR B 35 44.94 -16.54 2.78
C THR B 35 45.82 -17.73 2.36
N GLU B 36 45.17 -18.84 2.04
CA GLU B 36 45.88 -20.05 1.62
CA GLU B 36 45.89 -20.05 1.63
C GLU B 36 46.46 -19.94 0.22
N LYS B 37 45.99 -18.95 -0.55
CA LYS B 37 46.42 -18.79 -1.94
C LYS B 37 47.38 -17.61 -2.17
N LEU B 38 47.87 -17.01 -1.09
CA LEU B 38 48.74 -15.84 -1.21
C LEU B 38 50.10 -16.19 -1.85
N ASP B 39 50.59 -17.39 -1.56
CA ASP B 39 51.83 -17.86 -2.17
C ASP B 39 51.67 -17.97 -3.67
N TYR B 40 50.48 -18.39 -4.11
CA TYR B 40 50.17 -18.47 -5.53
C TYR B 40 50.26 -17.10 -6.18
N LEU B 41 49.64 -16.11 -5.55
CA LEU B 41 49.60 -14.75 -6.09
C LEU B 41 50.98 -14.09 -6.07
N LYS B 42 51.72 -14.28 -4.98
CA LYS B 42 53.07 -13.75 -4.88
CA LYS B 42 53.08 -13.77 -4.87
C LYS B 42 53.97 -14.36 -5.95
N GLY B 43 53.82 -15.66 -6.18
CA GLY B 43 54.58 -16.36 -7.19
C GLY B 43 54.30 -15.84 -8.59
N LEU B 44 53.07 -15.38 -8.82
CA LEU B 44 52.69 -14.78 -10.08
C LEU B 44 53.40 -13.44 -10.28
N GLY B 45 53.69 -12.78 -9.17
CA GLY B 45 54.37 -11.49 -9.18
C GLY B 45 53.48 -10.33 -8.72
N ILE B 46 52.43 -10.64 -7.97
CA ILE B 46 51.43 -9.63 -7.61
C ILE B 46 51.86 -8.76 -6.43
N ASP B 47 51.85 -7.45 -6.65
CA ASP B 47 52.28 -6.48 -5.65
C ASP B 47 51.18 -6.14 -4.65
N ALA B 48 49.95 -6.10 -5.12
CA ALA B 48 48.83 -5.69 -4.29
C ALA B 48 47.51 -6.29 -4.75
N ILE B 49 46.61 -6.48 -3.79
CA ILE B 49 45.31 -7.10 -4.04
C ILE B 49 44.16 -6.16 -3.71
N TRP B 50 43.23 -6.03 -4.66
CA TRP B 50 41.96 -5.39 -4.38
C TRP B 50 40.91 -6.48 -4.16
N ILE B 51 40.25 -6.44 -3.01
CA ILE B 51 39.12 -7.34 -2.75
C ILE B 51 37.80 -6.59 -2.81
N ASN B 52 36.81 -7.25 -3.42
CA ASN B 52 35.44 -6.74 -3.46
C ASN B 52 34.86 -6.71 -2.04
N PRO B 53 33.75 -5.96 -1.83
CA PRO B 53 33.23 -5.73 -0.46
C PRO B 53 33.21 -6.97 0.45
N HIS B 54 33.68 -6.77 1.68
CA HIS B 54 33.87 -7.85 2.63
C HIS B 54 33.16 -7.56 3.96
N TYR B 55 32.20 -6.66 3.91
CA TYR B 55 31.50 -6.20 5.12
C TYR B 55 30.18 -6.93 5.28
N ALA B 56 29.61 -6.83 6.49
CA ALA B 56 28.31 -7.44 6.78
C ALA B 56 27.25 -6.99 5.78
N SER B 57 26.52 -7.96 5.22
CA SER B 57 25.63 -7.69 4.09
C SER B 57 24.57 -8.79 3.91
N PRO B 58 23.33 -8.40 3.61
CA PRO B 58 22.24 -9.33 3.26
C PRO B 58 22.47 -9.98 1.89
N ASN B 59 23.43 -9.44 1.15
CA ASN B 59 23.81 -9.99 -0.16
C ASN B 59 22.75 -9.98 -1.24
N THR B 60 21.95 -8.92 -1.30
CA THR B 60 21.06 -8.72 -2.42
C THR B 60 21.89 -8.29 -3.63
N ASP B 61 23.06 -7.72 -3.36
CA ASP B 61 23.99 -7.33 -4.43
C ASP B 61 25.40 -7.82 -4.12
N ASN B 62 25.48 -8.95 -3.43
CA ASN B 62 26.75 -9.61 -3.13
C ASN B 62 27.83 -8.70 -2.53
N GLY B 63 27.50 -8.00 -1.45
CA GLY B 63 28.47 -7.18 -0.75
C GLY B 63 28.29 -5.68 -0.93
N TYR B 64 27.66 -5.29 -2.05
CA TYR B 64 27.46 -3.88 -2.31
C TYR B 64 26.21 -3.32 -1.64
N ASP B 65 25.59 -4.14 -0.79
CA ASP B 65 24.53 -3.67 0.10
C ASP B 65 24.93 -3.92 1.54
N ILE B 66 25.56 -2.93 2.15
CA ILE B 66 26.23 -3.11 3.44
C ILE B 66 25.34 -2.75 4.62
N SER B 67 25.20 -3.68 5.55
CA SER B 67 24.38 -3.48 6.74
C SER B 67 25.19 -3.07 7.97
N ASP B 68 26.52 -3.16 7.88
CA ASP B 68 27.40 -2.73 8.97
C ASP B 68 28.82 -2.56 8.43
N TYR B 69 29.28 -1.32 8.40
CA TYR B 69 30.57 -1.00 7.80
C TYR B 69 31.77 -1.43 8.64
N ARG B 70 31.53 -1.82 9.89
CA ARG B 70 32.62 -2.18 10.79
C ARG B 70 32.64 -3.65 11.20
N GLU B 71 31.81 -4.47 10.56
CA GLU B 71 31.85 -5.91 10.78
C GLU B 71 32.09 -6.61 9.45
N VAL B 72 32.73 -7.78 9.51
CA VAL B 72 33.02 -8.51 8.28
C VAL B 72 31.83 -9.38 7.89
N MET B 73 31.75 -9.71 6.59
CA MET B 73 30.66 -10.54 6.09
C MET B 73 30.76 -11.93 6.70
N LYS B 74 29.65 -12.42 7.23
CA LYS B 74 29.62 -13.71 7.92
C LYS B 74 30.13 -14.85 7.02
N GLU B 75 29.79 -14.79 5.74
CA GLU B 75 30.20 -15.82 4.80
C GLU B 75 31.72 -15.88 4.61
N TYR B 76 32.39 -14.75 4.80
CA TYR B 76 33.84 -14.69 4.56
C TYR B 76 34.67 -15.07 5.78
N GLY B 77 34.06 -15.03 6.96
CA GLY B 77 34.75 -15.38 8.18
C GLY B 77 34.59 -14.32 9.26
N THR B 78 35.59 -14.20 10.14
CA THR B 78 35.53 -13.24 11.23
C THR B 78 36.57 -12.13 11.07
N MET B 79 36.51 -11.13 11.95
CA MET B 79 37.47 -10.04 11.94
C MET B 79 38.88 -10.59 12.15
N GLU B 80 38.98 -11.64 12.96
CA GLU B 80 40.23 -12.35 13.19
C GLU B 80 40.79 -12.92 11.89
N ASP B 81 39.91 -13.45 11.04
CA ASP B 81 40.33 -13.96 9.73
C ASP B 81 40.88 -12.82 8.87
N PHE B 82 40.19 -11.68 8.90
CA PHE B 82 40.59 -10.51 8.11
C PHE B 82 41.95 -9.98 8.53
N ASP B 83 42.17 -9.91 9.84
CA ASP B 83 43.43 -9.41 10.39
C ASP B 83 44.56 -10.36 10.02
N ARG B 84 44.29 -11.66 10.07
CA ARG B 84 45.27 -12.66 9.69
CA ARG B 84 45.28 -12.65 9.69
C ARG B 84 45.62 -12.54 8.21
N LEU B 85 44.62 -12.23 7.39
CA LEU B 85 44.83 -12.03 5.96
C LEU B 85 45.81 -10.88 5.71
N MET B 86 45.58 -9.76 6.40
CA MET B 86 46.46 -8.60 6.28
C MET B 86 47.87 -8.91 6.82
N ALA B 87 47.93 -9.69 7.90
CA ALA B 87 49.20 -10.05 8.51
C ALA B 87 50.01 -10.96 7.59
N GLU B 88 49.33 -11.87 6.90
CA GLU B 88 49.99 -12.77 5.96
C GLU B 88 50.39 -12.06 4.67
N LEU B 89 49.59 -11.07 4.26
CA LEU B 89 49.94 -10.25 3.11
C LEU B 89 51.21 -9.45 3.38
N LYS B 90 51.33 -8.97 4.61
CA LYS B 90 52.45 -8.12 5.00
C LYS B 90 53.77 -8.89 5.02
N LYS B 91 53.72 -10.12 5.54
CA LYS B 91 54.89 -11.00 5.58
C LYS B 91 55.50 -11.20 4.20
N ARG B 92 54.66 -11.12 3.17
CA ARG B 92 55.12 -11.30 1.80
C ARG B 92 55.34 -9.95 1.12
N GLY B 93 55.29 -8.89 1.93
CA GLY B 93 55.47 -7.55 1.43
C GLY B 93 54.40 -7.12 0.45
N MET B 94 53.20 -7.68 0.63
CA MET B 94 52.09 -7.36 -0.25
C MET B 94 51.11 -6.39 0.41
N ARG B 95 50.35 -5.67 -0.41
CA ARG B 95 49.43 -4.66 0.11
C ARG B 95 47.97 -4.97 -0.22
N LEU B 96 47.08 -4.46 0.61
CA LEU B 96 45.64 -4.72 0.45
C LEU B 96 44.84 -3.46 0.18
N MET B 97 44.08 -3.48 -0.91
CA MET B 97 43.11 -2.44 -1.22
C MET B 97 41.71 -2.97 -0.97
N VAL B 98 40.90 -2.20 -0.25
CA VAL B 98 39.52 -2.62 0.04
C VAL B 98 38.52 -1.79 -0.76
N ASP B 99 37.33 -2.36 -0.98
CA ASP B 99 36.26 -1.67 -1.68
C ASP B 99 35.51 -0.79 -0.69
N VAL B 100 35.19 0.43 -1.09
CA VAL B 100 34.44 1.35 -0.23
C VAL B 100 33.12 1.72 -0.89
N VAL B 101 32.02 1.34 -0.24
CA VAL B 101 30.69 1.53 -0.80
C VAL B 101 29.88 2.53 0.02
N ILE B 102 30.01 3.81 -0.29
CA ILE B 102 29.39 4.85 0.53
C ILE B 102 28.50 5.79 -0.27
N ASN B 103 28.04 5.34 -1.43
CA ASN B 103 26.99 6.05 -2.16
C ASN B 103 25.65 5.64 -1.57
N HIS B 104 25.64 4.49 -0.92
CA HIS B 104 24.42 3.93 -0.38
C HIS B 104 24.80 2.85 0.61
N SER B 105 23.81 2.37 1.37
CA SER B 105 24.01 1.26 2.28
C SER B 105 22.85 0.28 2.08
N SER B 106 22.85 -0.81 2.83
CA SER B 106 21.72 -1.72 2.82
C SER B 106 20.54 -1.11 3.57
N ASP B 107 19.34 -1.63 3.36
CA ASP B 107 18.17 -1.14 4.10
C ASP B 107 18.07 -1.87 5.44
N GLN B 108 19.04 -2.72 5.72
CA GLN B 108 19.12 -3.41 7.00
C GLN B 108 20.13 -2.74 7.92
N HIS B 109 20.82 -1.72 7.41
CA HIS B 109 21.72 -0.92 8.24
C HIS B 109 20.92 -0.16 9.29
N GLU B 110 21.48 -0.02 10.48
CA GLU B 110 20.78 0.62 11.59
C GLU B 110 20.40 2.08 11.31
N TRP B 111 21.17 2.75 10.45
CA TRP B 111 20.85 4.12 10.08
C TRP B 111 19.52 4.21 9.35
N PHE B 112 19.33 3.30 8.40
CA PHE B 112 18.10 3.33 7.60
C PHE B 112 16.90 2.82 8.41
N LYS B 113 17.15 1.87 9.30
CA LYS B 113 16.10 1.36 10.18
C LYS B 113 15.54 2.51 11.02
N SER B 114 16.44 3.33 11.55
CA SER B 114 16.05 4.50 12.33
C SER B 114 15.45 5.57 11.43
N SER B 115 16.13 5.84 10.32
CA SER B 115 15.72 6.89 9.39
C SER B 115 14.28 6.75 8.91
N ARG B 116 13.86 5.52 8.65
CA ARG B 116 12.55 5.27 8.05
C ARG B 116 11.43 5.16 9.09
N ALA B 117 11.82 5.09 10.36
CA ALA B 117 10.85 4.87 11.44
C ALA B 117 9.90 6.04 11.66
N SER B 118 10.36 7.26 11.37
CA SER B 118 9.54 8.46 11.55
C SER B 118 10.12 9.64 10.77
N LYS B 119 9.33 10.69 10.60
CA LYS B 119 9.80 11.91 9.94
C LYS B 119 10.71 12.71 10.86
N ASP B 120 10.54 12.53 12.16
CA ASP B 120 11.31 13.29 13.15
C ASP B 120 12.26 12.41 13.95
N ASN B 121 13.48 12.26 13.45
CA ASN B 121 14.51 11.48 14.13
C ASN B 121 15.88 11.90 13.63
N PRO B 122 16.92 11.73 14.47
CA PRO B 122 18.26 12.19 14.11
C PRO B 122 18.79 11.61 12.80
N TYR B 123 18.28 10.44 12.40
CA TYR B 123 18.80 9.75 11.23
C TYR B 123 18.00 9.95 9.95
N ARG B 124 16.92 10.74 10.05
CA ARG B 124 16.03 10.95 8.91
C ARG B 124 16.78 11.47 7.69
N ASP B 125 17.68 12.42 7.91
CA ASP B 125 18.41 13.04 6.80
C ASP B 125 19.75 12.35 6.50
N TYR B 126 19.92 11.13 6.99
CA TYR B 126 21.05 10.29 6.58
C TYR B 126 20.78 9.77 5.18
N TYR B 127 19.52 9.89 4.74
CA TYR B 127 19.09 9.45 3.43
C TYR B 127 18.21 10.50 2.79
N PHE B 128 17.67 10.21 1.61
CA PHE B 128 16.82 11.16 0.90
C PHE B 128 15.35 10.78 0.96
N TRP B 129 14.55 11.62 1.61
CA TRP B 129 13.11 11.42 1.71
C TRP B 129 12.35 12.59 1.09
N ARG B 130 11.44 12.28 0.18
CA ARG B 130 10.69 13.31 -0.54
C ARG B 130 9.22 12.94 -0.69
N ASP B 131 8.36 13.95 -0.76
CA ASP B 131 6.93 13.73 -1.03
C ASP B 131 6.75 13.31 -2.49
N GLY B 132 5.73 12.49 -2.73
CA GLY B 132 5.37 12.15 -4.10
C GLY B 132 4.82 13.36 -4.82
N LYS B 133 4.86 13.33 -6.15
CA LYS B 133 4.39 14.46 -6.95
C LYS B 133 3.25 14.07 -7.90
N ASP B 134 2.12 14.75 -7.73
CA ASP B 134 0.93 14.54 -8.57
C ASP B 134 0.45 13.10 -8.60
N GLY B 135 0.48 12.43 -7.45
CA GLY B 135 0.04 11.05 -7.35
C GLY B 135 1.15 10.03 -7.60
N HIS B 136 2.26 10.46 -8.17
CA HIS B 136 3.35 9.54 -8.49
C HIS B 136 4.64 9.85 -7.73
N GLU B 137 5.76 9.32 -8.22
CA GLU B 137 7.07 9.52 -7.60
C GLU B 137 7.47 10.99 -7.60
N PRO B 138 8.37 11.38 -6.67
CA PRO B 138 8.87 12.76 -6.61
C PRO B 138 9.43 13.27 -7.94
N ASN B 139 10.04 12.38 -8.72
CA ASN B 139 10.43 12.71 -10.08
C ASN B 139 10.52 11.48 -10.99
N ASN B 140 11.14 11.65 -12.15
CA ASN B 140 11.19 10.57 -13.14
C ASN B 140 12.49 9.77 -13.11
N TYR B 141 13.22 9.84 -12.00
CA TYR B 141 14.49 9.12 -11.85
C TYR B 141 14.34 7.60 -12.01
N PRO B 142 15.05 7.03 -13.00
CA PRO B 142 15.08 5.57 -13.13
C PRO B 142 16.21 4.97 -12.29
N SER B 143 16.00 3.73 -11.83
CA SER B 143 17.02 3.02 -11.08
C SER B 143 17.84 2.11 -11.99
N PHE B 144 19.13 1.95 -11.68
CA PHE B 144 20.01 1.08 -12.46
C PHE B 144 19.50 -0.36 -12.47
N PHE B 145 18.81 -0.76 -11.41
CA PHE B 145 18.39 -2.14 -11.24
C PHE B 145 16.89 -2.35 -11.34
N GLY B 146 16.22 -1.48 -12.10
CA GLY B 146 14.83 -1.70 -12.44
C GLY B 146 13.85 -0.72 -11.84
N GLY B 147 12.99 -0.17 -12.70
CA GLY B 147 11.91 0.70 -12.26
C GLY B 147 12.38 2.05 -11.77
N SER B 148 11.53 2.69 -10.96
CA SER B 148 11.80 4.02 -10.42
C SER B 148 12.92 3.98 -9.39
N ALA B 149 13.67 5.07 -9.32
CA ALA B 149 14.69 5.21 -8.30
C ALA B 149 14.09 5.61 -6.95
N TRP B 150 12.77 5.82 -6.92
CA TRP B 150 12.06 6.19 -5.69
C TRP B 150 11.16 5.07 -5.18
N GLU B 151 11.28 4.75 -3.89
CA GLU B 151 10.47 3.71 -3.27
C GLU B 151 9.66 4.25 -2.09
N LYS B 152 8.35 4.02 -2.12
CA LYS B 152 7.44 4.57 -1.10
C LYS B 152 7.44 3.75 0.19
N ASP B 153 7.57 4.45 1.32
CA ASP B 153 7.50 3.82 2.64
C ASP B 153 6.17 4.17 3.29
N PRO B 154 5.31 3.16 3.51
CA PRO B 154 3.98 3.35 4.10
C PRO B 154 4.01 3.98 5.50
N VAL B 155 5.11 3.79 6.22
CA VAL B 155 5.24 4.33 7.58
C VAL B 155 5.08 5.86 7.64
N THR B 156 5.71 6.56 6.70
CA THR B 156 5.65 8.03 6.68
C THR B 156 4.99 8.56 5.41
N GLY B 157 4.74 7.68 4.45
CA GLY B 157 4.11 8.09 3.21
C GLY B 157 5.04 8.79 2.24
N GLN B 158 6.32 8.83 2.57
CA GLN B 158 7.31 9.45 1.69
C GLN B 158 8.13 8.42 0.92
N TYR B 159 8.78 8.87 -0.16
CA TYR B 159 9.60 8.03 -1.00
C TYR B 159 11.07 8.21 -0.67
N TYR B 160 11.83 7.12 -0.62
CA TYR B 160 13.27 7.22 -0.43
C TYR B 160 14.02 6.91 -1.72
N LEU B 161 15.20 7.51 -1.88
CA LEU B 161 15.97 7.41 -3.11
C LEU B 161 16.89 6.19 -3.14
N HIS B 162 16.92 5.51 -4.28
CA HIS B 162 17.85 4.40 -4.51
C HIS B 162 18.27 4.33 -5.97
N TYR B 163 19.51 4.75 -6.25
CA TYR B 163 20.03 4.70 -7.62
C TYR B 163 20.12 3.27 -8.10
N PHE B 164 20.50 2.37 -7.20
CA PHE B 164 20.60 0.96 -7.52
C PHE B 164 19.43 0.18 -6.95
N GLY B 165 19.72 -0.93 -6.30
CA GLY B 165 18.67 -1.80 -5.78
C GLY B 165 17.74 -1.09 -4.81
N ARG B 166 16.49 -1.54 -4.76
CA ARG B 166 15.50 -1.00 -3.85
C ARG B 166 15.94 -1.16 -2.40
N GLN B 167 16.75 -2.20 -2.15
CA GLN B 167 17.29 -2.42 -0.82
C GLN B 167 18.67 -1.78 -0.68
N GLN B 168 18.95 -0.78 -1.52
CA GLN B 168 20.20 -0.02 -1.44
C GLN B 168 19.95 1.49 -1.44
N PRO B 169 19.34 2.01 -0.37
CA PRO B 169 19.02 3.45 -0.29
C PRO B 169 20.26 4.34 -0.25
N ASP B 170 20.29 5.36 -1.09
CA ASP B 170 21.42 6.29 -1.19
C ASP B 170 21.68 7.10 0.08
N LEU B 171 22.95 7.25 0.44
CA LEU B 171 23.33 8.06 1.59
C LEU B 171 23.32 9.55 1.25
N ASN B 172 22.93 10.36 2.21
CA ASN B 172 22.79 11.81 2.01
C ASN B 172 24.06 12.55 2.41
N TRP B 173 24.88 12.86 1.41
CA TRP B 173 26.15 13.56 1.65
C TRP B 173 25.97 15.03 2.01
N ASP B 174 24.78 15.58 1.78
CA ASP B 174 24.51 16.97 2.12
C ASP B 174 24.40 17.16 3.63
N THR B 175 24.33 16.07 4.36
CA THR B 175 24.23 16.10 5.82
C THR B 175 25.60 15.90 6.47
N PRO B 176 26.10 16.95 7.15
CA PRO B 176 27.42 16.95 7.80
C PRO B 176 27.63 15.79 8.76
N LYS B 177 26.64 15.48 9.58
CA LYS B 177 26.75 14.38 10.54
C LYS B 177 26.92 13.03 9.82
N LEU B 178 26.34 12.92 8.62
CA LEU B 178 26.51 11.70 7.82
C LEU B 178 27.95 11.60 7.33
N ARG B 179 28.46 12.70 6.76
CA ARG B 179 29.83 12.74 6.26
C ARG B 179 30.86 12.40 7.34
N GLU B 180 30.72 13.02 8.50
CA GLU B 180 31.64 12.77 9.60
C GLU B 180 31.61 11.32 10.03
N GLU B 181 30.44 10.70 9.91
CA GLU B 181 30.28 9.30 10.27
C GLU B 181 31.01 8.40 9.26
N LEU B 182 30.92 8.76 7.99
CA LEU B 182 31.63 8.03 6.94
C LEU B 182 33.12 8.17 7.12
N TYR B 183 33.57 9.38 7.50
CA TYR B 183 34.98 9.65 7.67
C TYR B 183 35.56 8.85 8.84
N ALA B 184 34.76 8.70 9.89
CA ALA B 184 35.15 7.91 11.05
C ALA B 184 35.22 6.42 10.70
N MET B 185 34.37 6.03 9.76
CA MET B 185 34.35 4.64 9.31
C MET B 185 35.61 4.31 8.52
N LEU B 186 36.01 5.22 7.63
CA LEU B 186 37.23 5.03 6.84
C LEU B 186 38.47 4.94 7.73
N ARG B 187 38.53 5.76 8.77
CA ARG B 187 39.69 5.77 9.67
C ARG B 187 39.81 4.44 10.39
N PHE B 188 38.66 3.85 10.72
CA PHE B 188 38.60 2.56 11.40
C PHE B 188 39.35 1.48 10.63
N TRP B 189 39.23 1.49 9.31
CA TRP B 189 39.90 0.50 8.48
C TRP B 189 41.34 0.91 8.17
N LEU B 190 41.56 2.19 7.93
CA LEU B 190 42.91 2.71 7.67
C LEU B 190 43.84 2.52 8.87
N ASP B 191 43.27 2.61 10.08
CA ASP B 191 44.07 2.42 11.29
C ASP B 191 44.44 0.95 11.46
N LYS B 192 43.76 0.07 10.73
CA LYS B 192 44.09 -1.34 10.73
C LYS B 192 45.28 -1.61 9.81
N GLY B 193 45.55 -0.67 8.90
CA GLY B 193 46.72 -0.74 8.06
C GLY B 193 46.46 -1.06 6.61
N VAL B 194 45.23 -0.88 6.14
CA VAL B 194 44.94 -1.12 4.74
C VAL B 194 45.70 -0.11 3.87
N SER B 195 46.14 -0.54 2.70
CA SER B 195 47.04 0.26 1.88
C SER B 195 46.32 1.04 0.77
N GLY B 196 45.08 0.66 0.49
CA GLY B 196 44.33 1.30 -0.58
C GLY B 196 42.83 1.18 -0.44
N MET B 197 42.11 2.05 -1.14
CA MET B 197 40.66 2.04 -1.12
C MET B 197 40.08 2.32 -2.50
N ARG B 198 39.18 1.46 -2.95
CA ARG B 198 38.46 1.66 -4.20
C ARG B 198 37.06 2.16 -3.87
N PHE B 199 36.72 3.35 -4.36
CA PHE B 199 35.41 3.93 -4.08
C PHE B 199 34.40 3.62 -5.17
N ALA B 200 33.47 2.72 -4.84
CA ALA B 200 32.44 2.31 -5.80
C ALA B 200 31.51 3.47 -6.15
N THR B 201 31.17 3.58 -7.44
CA THR B 201 30.36 4.67 -8.01
C THR B 201 30.61 6.04 -7.37
N VAL B 202 31.88 6.43 -7.32
CA VAL B 202 32.33 7.62 -6.61
C VAL B 202 31.71 8.93 -7.12
N ALA B 203 31.33 8.96 -8.38
CA ALA B 203 30.86 10.18 -9.02
C ALA B 203 29.40 10.51 -8.78
N THR B 204 28.70 9.70 -8.00
CA THR B 204 27.28 9.95 -7.74
C THR B 204 26.97 10.38 -6.31
N TYR B 205 28.00 10.76 -5.55
CA TYR B 205 27.79 11.14 -4.16
C TYR B 205 26.89 12.38 -4.02
N SER B 206 27.01 13.31 -4.96
CA SER B 206 26.26 14.55 -4.86
C SER B 206 24.96 14.49 -5.65
N LYS B 207 23.87 14.86 -4.99
CA LYS B 207 22.55 14.88 -5.61
C LYS B 207 22.19 16.31 -5.98
N THR B 208 21.33 16.48 -6.98
CA THR B 208 20.95 17.79 -7.45
C THR B 208 19.87 18.39 -6.56
N PRO B 209 20.07 19.65 -6.11
CA PRO B 209 19.10 20.38 -5.29
C PRO B 209 17.72 20.42 -5.93
N GLY B 210 16.69 20.11 -5.14
CA GLY B 210 15.31 20.19 -5.61
C GLY B 210 14.84 18.94 -6.33
N PHE B 211 15.80 18.10 -6.73
CA PHE B 211 15.51 16.90 -7.54
C PHE B 211 14.56 17.18 -8.71
N PRO B 212 14.97 18.07 -9.64
CA PRO B 212 14.08 18.31 -10.77
C PRO B 212 14.06 17.12 -11.72
N ASP B 213 12.98 16.99 -12.50
CA ASP B 213 12.88 15.91 -13.48
C ASP B 213 14.01 15.97 -14.50
N LEU B 214 14.45 14.80 -14.93
CA LEU B 214 15.42 14.72 -16.01
C LEU B 214 14.75 15.13 -17.32
N THR B 215 15.47 15.87 -18.16
CA THR B 215 15.01 16.16 -19.51
C THR B 215 14.97 14.85 -20.30
N PRO B 216 14.21 14.82 -21.40
CA PRO B 216 14.16 13.61 -22.23
C PRO B 216 15.54 13.14 -22.67
N GLU B 217 16.43 14.05 -23.02
CA GLU B 217 17.78 13.71 -23.43
CA GLU B 217 17.77 13.70 -23.44
C GLU B 217 18.58 13.14 -22.26
N GLN B 218 18.39 13.74 -21.08
CA GLN B 218 19.04 13.26 -19.87
C GLN B 218 18.47 11.90 -19.47
N MET B 219 17.21 11.67 -19.82
CA MET B 219 16.53 10.43 -19.49
C MET B 219 17.21 9.25 -20.22
N LYS B 220 17.64 9.52 -21.46
CA LYS B 220 18.34 8.52 -22.26
C LYS B 220 19.64 8.11 -21.60
N ASN B 221 20.38 9.09 -21.09
CA ASN B 221 21.64 8.81 -20.41
CA ASN B 221 21.65 8.84 -20.43
C ASN B 221 21.60 9.26 -18.96
N PHE B 222 20.79 8.58 -18.16
CA PHE B 222 20.62 8.95 -16.76
C PHE B 222 21.88 8.68 -15.94
N ALA B 223 22.68 7.71 -16.37
CA ALA B 223 23.92 7.39 -15.67
C ALA B 223 24.86 8.58 -15.65
N GLU B 224 24.85 9.34 -16.75
CA GLU B 224 25.69 10.53 -16.86
C GLU B 224 25.14 11.68 -16.02
N ALA B 225 23.82 11.79 -15.97
CA ALA B 225 23.17 12.87 -15.22
C ALA B 225 23.39 12.75 -13.70
N TYR B 226 23.50 11.51 -13.23
CA TYR B 226 23.71 11.27 -11.80
C TYR B 226 25.13 11.63 -11.37
N THR B 227 26.01 11.92 -12.32
CA THR B 227 27.38 12.27 -11.99
C THR B 227 27.60 13.79 -11.97
N GLN B 228 26.52 14.55 -12.19
CA GLN B 228 26.65 15.99 -12.32
C GLN B 228 26.20 16.77 -11.08
N GLY B 229 26.25 16.11 -9.92
CA GLY B 229 25.95 16.77 -8.67
C GLY B 229 26.87 17.95 -8.41
N PRO B 230 26.29 19.11 -8.03
CA PRO B 230 27.05 20.35 -7.90
C PRO B 230 28.07 20.36 -6.76
N ASN B 231 27.91 19.48 -5.77
CA ASN B 231 28.82 19.47 -4.62
C ASN B 231 29.79 18.28 -4.59
N LEU B 232 29.88 17.55 -5.68
CA LEU B 232 30.67 16.32 -5.72
C LEU B 232 32.13 16.52 -5.33
N HIS B 233 32.81 17.41 -6.04
CA HIS B 233 34.25 17.60 -5.83
C HIS B 233 34.54 18.25 -4.49
N ARG B 234 33.56 19.00 -3.99
CA ARG B 234 33.61 19.57 -2.66
C ARG B 234 33.68 18.47 -1.61
N TYR B 235 32.81 17.48 -1.73
CA TYR B 235 32.77 16.37 -0.78
C TYR B 235 34.03 15.51 -0.87
N LEU B 236 34.56 15.37 -2.08
CA LEU B 236 35.77 14.58 -2.29
C LEU B 236 37.00 15.27 -1.71
N GLN B 237 37.04 16.59 -1.82
CA GLN B 237 38.16 17.35 -1.26
C GLN B 237 38.09 17.37 0.27
N GLU B 238 36.89 17.41 0.81
CA GLU B 238 36.72 17.36 2.26
C GLU B 238 37.14 16.00 2.82
N MET B 239 36.81 14.94 2.09
CA MET B 239 37.20 13.59 2.50
C MET B 239 38.72 13.44 2.51
N HIS B 240 39.40 14.01 1.51
CA HIS B 240 40.85 13.98 1.46
C HIS B 240 41.44 14.74 2.65
N GLU B 241 40.84 15.88 2.97
CA GLU B 241 41.33 16.75 4.04
C GLU B 241 41.23 16.10 5.42
N LYS B 242 40.13 15.40 5.67
CA LYS B 242 39.86 14.89 7.01
C LYS B 242 40.27 13.42 7.17
N VAL B 243 40.64 12.78 6.06
CA VAL B 243 40.96 11.36 6.10
C VAL B 243 42.33 11.05 5.46
N PHE B 244 42.39 11.05 4.15
CA PHE B 244 43.56 10.53 3.43
C PHE B 244 44.80 11.41 3.47
N ASP B 245 44.62 12.67 3.86
CA ASP B 245 45.75 13.56 4.04
C ASP B 245 46.59 13.09 5.21
N HIS B 246 46.00 12.26 6.08
CA HIS B 246 46.65 11.80 7.30
C HIS B 246 47.23 10.39 7.16
N TYR B 247 47.02 9.76 6.00
CA TYR B 247 47.55 8.41 5.77
C TYR B 247 48.38 8.36 4.50
N ASP B 248 49.00 7.20 4.26
CA ASP B 248 49.78 6.98 3.05
C ASP B 248 49.13 5.90 2.20
N ALA B 249 47.80 5.87 2.20
CA ALA B 249 47.06 4.90 1.41
C ALA B 249 46.72 5.46 0.04
N VAL B 250 46.52 4.58 -0.93
CA VAL B 250 46.18 4.99 -2.28
C VAL B 250 44.66 4.99 -2.49
N THR B 251 44.15 5.99 -3.19
CA THR B 251 42.73 6.06 -3.47
C THR B 251 42.44 5.86 -4.95
N ALA B 252 41.42 5.05 -5.24
CA ALA B 252 41.02 4.78 -6.60
C ALA B 252 39.50 4.91 -6.75
N GLY B 253 39.07 5.83 -7.60
CA GLY B 253 37.65 6.05 -7.79
C GLY B 253 37.11 5.31 -9.00
N GLU B 254 35.98 4.64 -8.82
CA GLU B 254 35.23 4.08 -9.93
C GLU B 254 34.33 5.18 -10.49
N ILE B 255 34.77 5.79 -11.58
CA ILE B 255 34.03 6.90 -12.19
C ILE B 255 33.12 6.42 -13.30
N PHE B 256 31.95 5.92 -12.92
CA PHE B 256 30.98 5.38 -13.87
C PHE B 256 29.92 6.41 -14.22
N GLY B 257 29.72 6.65 -15.51
CA GLY B 257 28.70 7.56 -15.97
C GLY B 257 29.26 8.90 -16.42
N ALA B 258 30.35 9.32 -15.79
CA ALA B 258 30.91 10.65 -16.05
C ALA B 258 31.63 10.73 -17.39
N PRO B 259 31.45 11.85 -18.11
CA PRO B 259 32.16 12.07 -19.37
C PRO B 259 33.66 12.17 -19.13
N LEU B 260 34.44 11.71 -20.10
CA LEU B 260 35.88 11.57 -19.93
C LEU B 260 36.60 12.89 -19.62
N ASN B 261 36.04 14.00 -20.07
CA ASN B 261 36.69 15.30 -19.90
C ASN B 261 36.60 15.86 -18.48
N GLN B 262 35.84 15.19 -17.62
CA GLN B 262 35.71 15.61 -16.22
C GLN B 262 36.61 14.81 -15.29
N VAL B 263 37.13 13.70 -15.80
CA VAL B 263 38.01 12.83 -15.03
C VAL B 263 39.22 13.53 -14.35
N PRO B 264 39.88 14.47 -15.04
CA PRO B 264 41.00 15.16 -14.38
C PRO B 264 40.65 15.83 -13.05
N LEU B 265 39.39 16.24 -12.89
CA LEU B 265 38.94 16.85 -11.64
C LEU B 265 39.04 15.87 -10.48
N PHE B 266 38.99 14.59 -10.81
CA PHE B 266 39.07 13.52 -9.81
C PHE B 266 40.51 13.11 -9.51
N ILE B 267 41.41 13.23 -10.48
CA ILE B 267 42.74 12.60 -10.35
C ILE B 267 43.94 13.52 -10.34
N ASP B 268 43.75 14.78 -10.76
CA ASP B 268 44.84 15.75 -10.69
C ASP B 268 45.29 15.85 -9.23
N SER B 269 46.54 15.50 -8.98
CA SER B 269 47.08 15.44 -7.62
C SER B 269 47.07 16.81 -6.92
N ARG B 270 47.15 17.86 -7.71
CA ARG B 270 47.12 19.23 -7.18
C ARG B 270 45.76 19.55 -6.57
N ARG B 271 44.71 18.87 -7.02
CA ARG B 271 43.36 19.11 -6.50
C ARG B 271 43.11 18.37 -5.18
N LYS B 272 44.00 17.42 -4.87
CA LYS B 272 43.89 16.62 -3.65
C LYS B 272 42.52 15.96 -3.49
N GLU B 273 42.18 15.11 -4.45
CA GLU B 273 40.96 14.33 -4.35
C GLU B 273 41.31 12.85 -4.36
N LEU B 274 41.48 12.28 -5.55
CA LEU B 274 41.83 10.88 -5.70
C LEU B 274 43.20 10.70 -6.38
N ASP B 275 43.81 9.53 -6.18
CA ASP B 275 45.10 9.24 -6.79
C ASP B 275 44.96 8.74 -8.22
N MET B 276 44.07 7.76 -8.42
CA MET B 276 43.89 7.17 -9.74
C MET B 276 42.43 6.83 -10.05
N ALA B 277 42.11 6.64 -11.33
CA ALA B 277 40.73 6.43 -11.76
C ALA B 277 40.47 5.12 -12.48
N PHE B 278 39.36 4.48 -12.14
CA PHE B 278 38.79 3.43 -12.96
C PHE B 278 37.81 4.09 -13.91
N THR B 279 38.12 4.06 -15.21
CA THR B 279 37.16 4.54 -16.21
C THR B 279 36.59 3.36 -16.99
N PHE B 280 35.47 3.58 -17.66
CA PHE B 280 34.78 2.48 -18.35
C PHE B 280 34.52 2.79 -19.81
N ASP B 281 35.22 3.78 -20.35
CA ASP B 281 35.11 4.11 -21.76
C ASP B 281 35.62 2.97 -22.63
N LEU B 282 36.69 2.30 -22.18
CA LEU B 282 37.26 1.22 -22.97
C LEU B 282 36.48 -0.08 -22.81
N ILE B 283 36.24 -0.49 -21.57
CA ILE B 283 35.64 -1.80 -21.32
C ILE B 283 34.18 -1.84 -21.78
N ARG B 284 33.55 -0.67 -21.86
CA ARG B 284 32.18 -0.54 -22.36
C ARG B 284 32.16 0.14 -23.73
N TYR B 285 33.26 0.08 -24.45
CA TYR B 285 33.36 0.76 -25.75
C TYR B 285 32.43 0.12 -26.79
N ASP B 286 31.98 -1.09 -26.52
CA ASP B 286 31.09 -1.79 -27.45
C ASP B 286 29.78 -2.20 -26.78
N ARG B 287 29.40 -1.47 -25.73
CA ARG B 287 28.15 -1.70 -25.03
C ARG B 287 27.16 -0.60 -25.42
N ALA B 288 25.93 -1.00 -25.76
CA ALA B 288 24.90 -0.04 -26.13
C ALA B 288 24.41 0.75 -24.93
N LEU B 289 23.58 1.77 -25.19
CA LEU B 289 23.01 2.61 -24.15
C LEU B 289 22.28 1.82 -23.06
N ASP B 290 21.52 0.80 -23.48
CA ASP B 290 20.71 0.02 -22.55
C ASP B 290 21.54 -0.85 -21.61
N ARG B 291 22.85 -0.90 -21.88
CA ARG B 291 23.82 -1.66 -21.08
C ARG B 291 23.67 -3.18 -21.19
N TRP B 292 22.85 -3.68 -22.11
CA TRP B 292 22.79 -5.14 -22.35
C TRP B 292 22.96 -5.54 -23.81
N HIS B 293 22.67 -4.62 -24.73
CA HIS B 293 22.94 -4.86 -26.14
C HIS B 293 24.42 -4.58 -26.43
N THR B 294 24.92 -5.21 -27.48
CA THR B 294 26.30 -5.03 -27.91
C THR B 294 26.30 -4.25 -29.22
N ILE B 295 27.34 -3.47 -29.45
CA ILE B 295 27.51 -2.74 -30.71
C ILE B 295 28.84 -3.12 -31.34
N PRO B 296 28.81 -3.54 -32.62
CA PRO B 296 30.03 -3.94 -33.33
C PRO B 296 31.08 -2.82 -33.35
N ARG B 297 32.30 -3.15 -32.94
CA ARG B 297 33.40 -2.18 -32.93
C ARG B 297 34.68 -2.81 -33.48
N THR B 298 35.61 -1.99 -33.95
CA THR B 298 36.87 -2.50 -34.47
C THR B 298 38.05 -2.12 -33.57
N LEU B 299 39.24 -2.55 -33.96
CA LEU B 299 40.46 -2.23 -33.22
C LEU B 299 40.74 -0.74 -33.27
N ALA B 300 40.33 -0.10 -34.36
CA ALA B 300 40.47 1.35 -34.50
C ALA B 300 39.72 2.07 -33.38
N ASP B 301 38.50 1.64 -33.09
CA ASP B 301 37.70 2.22 -32.02
C ASP B 301 38.34 1.90 -30.66
N PHE B 302 38.91 0.70 -30.57
CA PHE B 302 39.53 0.22 -29.35
C PHE B 302 40.73 1.09 -28.94
N ARG B 303 41.62 1.34 -29.91
CA ARG B 303 42.86 2.07 -29.63
C ARG B 303 42.63 3.57 -29.48
N GLN B 304 41.67 4.11 -30.22
CA GLN B 304 41.39 5.53 -30.15
C GLN B 304 40.80 5.91 -28.81
N THR B 305 40.04 4.98 -28.22
CA THR B 305 39.49 5.17 -26.89
C THR B 305 40.59 5.19 -25.84
N ILE B 306 41.53 4.26 -25.96
CA ILE B 306 42.71 4.22 -25.07
C ILE B 306 43.51 5.52 -25.16
N ASP B 307 43.62 6.05 -26.38
CA ASP B 307 44.27 7.33 -26.61
C ASP B 307 43.58 8.45 -25.83
N LYS B 308 42.26 8.55 -25.97
CA LYS B 308 41.49 9.58 -25.28
C LYS B 308 41.67 9.47 -23.76
N VAL B 309 41.63 8.24 -23.27
CA VAL B 309 41.78 7.98 -21.85
C VAL B 309 43.18 8.33 -21.36
N ASP B 310 44.20 8.04 -22.15
CA ASP B 310 45.57 8.40 -21.77
C ASP B 310 45.77 9.91 -21.74
N ALA B 311 45.06 10.62 -22.60
CA ALA B 311 45.20 12.08 -22.71
C ALA B 311 44.73 12.84 -21.47
N ILE B 312 43.70 12.34 -20.80
CA ILE B 312 43.18 13.02 -19.61
C ILE B 312 44.04 12.78 -18.36
N ALA B 313 45.03 11.92 -18.48
CA ALA B 313 45.96 11.70 -17.38
C ALA B 313 46.82 12.94 -17.18
N GLY B 314 47.60 13.29 -18.20
CA GLY B 314 48.39 14.50 -18.18
C GLY B 314 49.57 14.39 -17.23
N GLU B 315 50.10 15.54 -16.83
CA GLU B 315 51.32 15.57 -16.02
C GLU B 315 51.08 15.14 -14.57
N TYR B 316 49.93 15.50 -14.02
CA TYR B 316 49.67 15.30 -12.60
C TYR B 316 48.62 14.24 -12.29
N GLY B 317 48.11 13.57 -13.33
CA GLY B 317 47.08 12.56 -13.14
C GLY B 317 47.60 11.15 -13.28
N TRP B 318 46.73 10.17 -13.03
CA TRP B 318 47.11 8.77 -13.20
C TRP B 318 45.90 7.86 -13.42
N ASN B 319 46.01 6.95 -14.38
CA ASN B 319 44.93 6.01 -14.68
C ASN B 319 45.23 4.60 -14.19
N THR B 320 44.18 3.80 -14.05
CA THR B 320 44.33 2.36 -13.91
C THR B 320 44.08 1.78 -15.27
N PHE B 321 44.43 0.51 -15.46
CA PHE B 321 44.09 -0.18 -16.69
C PHE B 321 43.59 -1.59 -16.40
N PHE B 322 42.54 -2.00 -17.11
CA PHE B 322 41.94 -3.31 -16.90
C PHE B 322 41.09 -3.69 -18.11
N LEU B 323 41.07 -4.98 -18.42
CA LEU B 323 40.28 -5.47 -19.54
C LEU B 323 39.11 -6.31 -19.03
N GLY B 324 39.00 -6.42 -17.71
CA GLY B 324 37.91 -7.15 -17.10
C GLY B 324 37.77 -6.93 -15.61
N ASN B 325 36.54 -7.08 -15.11
CA ASN B 325 36.29 -7.08 -13.68
C ASN B 325 35.04 -7.89 -13.33
N HIS B 326 34.59 -7.79 -12.09
CA HIS B 326 33.45 -8.57 -11.60
C HIS B 326 32.10 -8.12 -12.17
N ASP B 327 32.08 -7.06 -12.96
CA ASP B 327 30.84 -6.53 -13.53
C ASP B 327 30.73 -6.73 -15.04
N ASN B 328 31.71 -7.40 -15.62
CA ASN B 328 31.83 -7.47 -17.08
C ASN B 328 32.17 -8.89 -17.55
N PRO B 329 31.96 -9.18 -18.84
CA PRO B 329 32.35 -10.51 -19.34
C PRO B 329 33.87 -10.71 -19.32
N ARG B 330 34.30 -11.96 -19.41
CA ARG B 330 35.71 -12.32 -19.38
C ARG B 330 36.47 -11.68 -20.55
N ALA B 331 37.70 -11.23 -20.26
CA ALA B 331 38.50 -10.50 -21.24
C ALA B 331 38.74 -11.24 -22.55
N VAL B 332 39.09 -12.53 -22.44
CA VAL B 332 39.42 -13.29 -23.65
C VAL B 332 38.18 -13.49 -24.53
N SER B 333 37.01 -13.55 -23.91
CA SER B 333 35.76 -13.67 -24.66
C SER B 333 35.34 -12.34 -25.28
N HIS B 334 35.64 -11.24 -24.57
CA HIS B 334 35.19 -9.91 -24.97
C HIS B 334 36.11 -9.25 -26.00
N PHE B 335 37.42 -9.32 -25.77
CA PHE B 335 38.39 -8.64 -26.61
C PHE B 335 39.23 -9.57 -27.46
N GLY B 336 39.23 -10.86 -27.11
CA GLY B 336 40.03 -11.83 -27.83
C GLY B 336 39.18 -12.78 -28.64
N ASP B 337 39.64 -14.04 -28.72
CA ASP B 337 38.91 -15.08 -29.42
C ASP B 337 38.95 -16.33 -28.54
N ASP B 338 37.82 -16.65 -27.92
CA ASP B 338 37.79 -17.70 -26.91
C ASP B 338 37.52 -19.09 -27.49
N ARG B 339 37.49 -19.21 -28.82
CA ARG B 339 37.41 -20.51 -29.48
C ARG B 339 38.67 -21.31 -29.13
N PRO B 340 38.52 -22.64 -28.95
CA PRO B 340 39.60 -23.49 -28.43
C PRO B 340 40.94 -23.38 -29.18
N GLN B 341 40.91 -23.07 -30.47
CA GLN B 341 42.17 -22.97 -31.21
C GLN B 341 42.80 -21.58 -31.15
N TRP B 342 42.07 -20.61 -30.61
CA TRP B 342 42.59 -19.25 -30.54
C TRP B 342 42.64 -18.68 -29.13
N ARG B 343 42.06 -19.40 -28.17
CA ARG B 343 41.93 -18.92 -26.80
C ARG B 343 43.26 -18.54 -26.14
N GLU B 344 44.18 -19.49 -26.09
CA GLU B 344 45.45 -19.27 -25.42
C GLU B 344 46.26 -18.17 -26.10
N ALA B 345 46.29 -18.20 -27.43
CA ALA B 345 47.01 -17.20 -28.21
C ALA B 345 46.48 -15.78 -27.98
N SER B 346 45.17 -15.61 -28.08
CA SER B 346 44.58 -14.29 -27.92
C SER B 346 44.73 -13.80 -26.48
N ALA B 347 44.58 -14.73 -25.53
CA ALA B 347 44.72 -14.42 -24.11
C ALA B 347 46.11 -13.88 -23.79
N LYS B 348 47.11 -14.45 -24.45
CA LYS B 348 48.49 -13.98 -24.28
C LYS B 348 48.65 -12.59 -24.87
N ALA B 349 48.00 -12.37 -26.02
CA ALA B 349 48.04 -11.08 -26.69
C ALA B 349 47.44 -9.97 -25.82
N LEU B 350 46.40 -10.30 -25.06
CA LEU B 350 45.73 -9.31 -24.21
C LEU B 350 46.56 -9.06 -22.96
N ALA B 351 47.27 -10.10 -22.51
CA ALA B 351 48.16 -9.99 -21.37
C ALA B 351 49.26 -8.99 -21.66
N THR B 352 49.76 -9.03 -22.89
CA THR B 352 50.83 -8.13 -23.31
C THR B 352 50.33 -6.70 -23.31
N VAL B 353 49.14 -6.50 -23.87
CA VAL B 353 48.50 -5.19 -23.89
C VAL B 353 48.32 -4.65 -22.47
N THR B 354 47.61 -5.40 -21.63
CA THR B 354 47.33 -5.00 -20.25
C THR B 354 48.59 -4.58 -19.48
N LEU B 355 49.67 -5.31 -19.68
CA LEU B 355 50.88 -5.12 -18.88
C LEU B 355 51.90 -4.15 -19.47
N THR B 356 51.56 -3.52 -20.59
CA THR B 356 52.45 -2.51 -21.17
C THR B 356 51.76 -1.16 -21.32
N GLN B 357 50.54 -1.06 -20.81
CA GLN B 357 49.80 0.20 -20.87
C GLN B 357 50.31 1.17 -19.81
N ARG B 358 50.22 2.45 -20.11
CA ARG B 358 50.60 3.49 -19.17
C ARG B 358 49.52 3.60 -18.10
N GLY B 359 49.89 3.27 -16.86
CA GLY B 359 48.95 3.26 -15.75
C GLY B 359 49.24 2.12 -14.79
N THR B 360 48.36 1.94 -13.80
CA THR B 360 48.47 0.83 -12.88
C THR B 360 47.52 -0.30 -13.32
N PRO B 361 48.09 -1.42 -13.77
CA PRO B 361 47.31 -2.53 -14.32
C PRO B 361 46.57 -3.32 -13.24
N PHE B 362 45.34 -3.69 -13.54
CA PHE B 362 44.57 -4.57 -12.69
C PHE B 362 44.25 -5.86 -13.44
N ILE B 363 44.56 -6.99 -12.82
CA ILE B 363 44.29 -8.29 -13.41
C ILE B 363 43.16 -8.98 -12.64
N PHE B 364 42.08 -9.28 -13.35
CA PHE B 364 40.94 -9.92 -12.69
C PHE B 364 41.21 -11.42 -12.56
N GLN B 365 40.85 -11.97 -11.40
CA GLN B 365 41.12 -13.37 -11.08
C GLN B 365 40.66 -14.32 -12.18
N GLY B 366 41.54 -15.23 -12.59
CA GLY B 366 41.20 -16.20 -13.62
C GLY B 366 41.67 -15.81 -15.01
N ASP B 367 41.89 -14.52 -15.23
CA ASP B 367 42.33 -14.06 -16.55
C ASP B 367 43.76 -14.50 -16.85
N GLU B 368 44.53 -14.80 -15.80
CA GLU B 368 45.88 -15.30 -15.99
C GLU B 368 45.86 -16.76 -16.45
N LEU B 369 44.71 -17.42 -16.30
CA LEU B 369 44.54 -18.79 -16.77
C LEU B 369 43.85 -18.82 -18.13
N GLY B 370 43.35 -17.67 -18.56
CA GLY B 370 42.58 -17.60 -19.79
C GLY B 370 41.18 -18.17 -19.63
N MET B 371 40.57 -17.95 -18.47
CA MET B 371 39.18 -18.35 -18.25
C MET B 371 38.24 -17.59 -19.18
N THR B 372 37.09 -18.19 -19.49
CA THR B 372 36.20 -17.66 -20.51
C THR B 372 34.81 -17.38 -19.96
N ASN B 373 33.95 -16.82 -20.81
CA ASN B 373 32.54 -16.67 -20.49
C ASN B 373 31.92 -18.03 -20.18
N TYR B 374 30.76 -18.00 -19.52
CA TYR B 374 30.07 -19.24 -19.17
C TYR B 374 28.99 -19.55 -20.20
N PRO B 375 28.88 -20.83 -20.59
CA PRO B 375 27.86 -21.28 -21.54
C PRO B 375 26.47 -21.38 -20.89
N PHE B 376 25.75 -20.26 -20.83
CA PHE B 376 24.45 -20.22 -20.18
C PHE B 376 23.42 -21.10 -20.87
N LYS B 377 22.58 -21.76 -20.06
CA LYS B 377 21.57 -22.65 -20.59
C LYS B 377 20.22 -22.43 -19.88
N THR B 378 20.25 -22.40 -18.56
CA THR B 378 19.03 -22.24 -17.77
C THR B 378 18.82 -20.79 -17.35
N LEU B 379 17.59 -20.47 -16.95
CA LEU B 379 17.25 -19.13 -16.47
C LEU B 379 18.10 -18.78 -15.26
N GLN B 380 18.17 -19.72 -14.31
CA GLN B 380 18.81 -19.49 -13.02
C GLN B 380 20.33 -19.24 -13.15
N ASP B 381 20.92 -19.68 -14.25
CA ASP B 381 22.31 -19.41 -14.54
C ASP B 381 22.59 -17.91 -14.61
N PHE B 382 21.58 -17.15 -15.03
CA PHE B 382 21.71 -15.70 -15.21
C PHE B 382 21.44 -14.91 -13.93
N ASP B 383 21.07 -15.60 -12.85
CA ASP B 383 20.54 -14.94 -11.65
C ASP B 383 21.42 -13.81 -11.12
N ASP B 384 20.97 -12.59 -11.35
CA ASP B 384 21.67 -11.36 -10.93
C ASP B 384 20.59 -10.32 -10.68
N ILE B 385 20.88 -9.36 -9.80
CA ILE B 385 19.93 -8.30 -9.52
C ILE B 385 19.78 -7.36 -10.72
N GLU B 386 20.87 -7.21 -11.49
CA GLU B 386 20.84 -6.35 -12.68
C GLU B 386 19.97 -6.94 -13.80
N VAL B 387 20.08 -8.24 -14.03
CA VAL B 387 19.26 -8.91 -15.04
CA VAL B 387 19.26 -8.87 -15.06
C VAL B 387 17.80 -8.94 -14.60
N LYS B 388 17.58 -8.97 -13.29
CA LYS B 388 16.24 -8.90 -12.72
C LYS B 388 15.62 -7.57 -13.15
N GLY B 389 16.43 -6.52 -13.11
CA GLY B 389 16.00 -5.19 -13.52
C GLY B 389 15.70 -5.10 -15.01
N PHE B 390 16.49 -5.80 -15.80
CA PHE B 390 16.27 -5.84 -17.24
C PHE B 390 14.94 -6.47 -17.60
N PHE B 391 14.57 -7.54 -16.87
CA PHE B 391 13.28 -8.18 -17.07
C PHE B 391 12.14 -7.20 -16.71
N GLN B 392 12.29 -6.55 -15.57
CA GLN B 392 11.31 -5.56 -15.11
C GLN B 392 11.18 -4.42 -16.10
N ASP B 393 12.30 -4.00 -16.69
CA ASP B 393 12.28 -2.82 -17.55
C ASP B 393 12.09 -3.11 -19.04
N TYR B 394 12.39 -4.34 -19.47
CA TYR B 394 12.37 -4.64 -20.90
C TYR B 394 11.46 -5.80 -21.32
N VAL B 395 11.25 -6.74 -20.42
CA VAL B 395 10.43 -7.92 -20.72
C VAL B 395 8.99 -7.77 -20.22
N GLU B 396 8.84 -7.44 -18.94
CA GLU B 396 7.51 -7.24 -18.37
C GLU B 396 6.79 -6.07 -19.04
N THR B 397 7.55 -5.19 -19.68
CA THR B 397 6.98 -4.05 -20.38
C THR B 397 6.75 -4.34 -21.86
N GLY B 398 7.26 -5.47 -22.33
CA GLY B 398 7.04 -5.89 -23.71
C GLY B 398 7.99 -5.31 -24.74
N LYS B 399 9.03 -4.62 -24.30
CA LYS B 399 10.00 -4.05 -25.23
C LYS B 399 10.80 -5.16 -25.90
N ALA B 400 10.94 -6.27 -25.20
CA ALA B 400 11.69 -7.40 -25.72
C ALA B 400 11.20 -8.69 -25.08
N THR B 401 11.37 -9.80 -25.80
CA THR B 401 11.06 -11.12 -25.26
C THR B 401 12.20 -11.58 -24.38
N ALA B 402 11.90 -12.57 -23.53
CA ALA B 402 12.89 -13.16 -22.65
C ALA B 402 14.07 -13.72 -23.43
N GLU B 403 13.78 -14.29 -24.59
CA GLU B 403 14.79 -14.95 -25.43
C GLU B 403 15.78 -13.94 -25.99
N GLU B 404 15.28 -12.77 -26.36
CA GLU B 404 16.13 -11.69 -26.85
C GLU B 404 17.05 -11.19 -25.75
N LEU B 405 16.50 -11.06 -24.55
CA LEU B 405 17.28 -10.59 -23.40
C LEU B 405 18.38 -11.58 -23.05
N LEU B 406 17.99 -12.84 -22.91
CA LEU B 406 18.91 -13.91 -22.55
C LEU B 406 20.04 -14.06 -23.57
N THR B 407 19.69 -13.96 -24.85
CA THR B 407 20.66 -14.10 -25.93
C THR B 407 21.75 -13.04 -25.84
N ASN B 408 21.34 -11.80 -25.59
CA ASN B 408 22.28 -10.69 -25.49
C ASN B 408 23.04 -10.70 -24.17
N VAL B 409 22.31 -10.93 -23.08
CA VAL B 409 22.90 -10.94 -21.74
C VAL B 409 23.95 -12.04 -21.59
N ALA B 410 23.79 -13.13 -22.34
CA ALA B 410 24.77 -14.21 -22.34
C ALA B 410 26.18 -13.68 -22.66
N LEU B 411 26.25 -12.65 -23.49
CA LEU B 411 27.53 -12.07 -23.86
C LEU B 411 28.01 -11.00 -22.88
N THR B 412 27.11 -10.42 -22.09
CA THR B 412 27.45 -9.27 -21.25
C THR B 412 27.24 -9.48 -19.74
N SER B 413 26.58 -10.57 -19.37
CA SER B 413 26.27 -10.87 -17.97
C SER B 413 27.49 -10.79 -17.05
N ARG B 414 27.31 -10.24 -15.85
CA ARG B 414 28.39 -10.13 -14.89
C ARG B 414 28.70 -11.50 -14.29
N ASN B 415 27.78 -12.44 -14.43
CA ASN B 415 28.01 -13.79 -13.95
C ASN B 415 29.12 -14.48 -14.73
N ASN B 416 29.40 -13.98 -15.93
CA ASN B 416 30.50 -14.51 -16.73
C ASN B 416 31.83 -14.41 -16.00
N ALA B 417 31.95 -13.42 -15.13
CA ALA B 417 33.20 -13.19 -14.39
C ALA B 417 33.14 -13.71 -12.96
N ARG B 418 32.00 -14.28 -12.58
CA ARG B 418 31.76 -14.65 -11.19
C ARG B 418 31.72 -16.16 -10.96
N THR B 419 31.91 -16.93 -12.02
CA THR B 419 32.01 -18.38 -11.89
C THR B 419 33.29 -18.70 -11.13
N PRO B 420 33.25 -19.74 -10.26
CA PRO B 420 34.35 -20.10 -9.36
C PRO B 420 35.71 -20.25 -10.04
N PHE B 421 36.75 -19.76 -9.38
CA PHE B 421 38.11 -19.87 -9.87
C PHE B 421 38.50 -21.34 -10.06
N GLN B 422 39.13 -21.64 -11.19
CA GLN B 422 39.44 -23.01 -11.56
C GLN B 422 40.85 -23.41 -11.13
N TRP B 423 40.95 -24.02 -9.95
CA TRP B 423 42.24 -24.33 -9.35
C TRP B 423 42.89 -25.61 -9.88
N ASP B 424 42.08 -26.65 -10.12
CA ASP B 424 42.56 -27.89 -10.73
C ASP B 424 41.44 -28.64 -11.44
N ASP B 425 41.64 -29.93 -11.69
CA ASP B 425 40.63 -30.72 -12.39
C ASP B 425 39.87 -31.67 -11.47
N SER B 426 39.94 -31.43 -10.16
CA SER B 426 39.15 -32.19 -9.21
C SER B 426 37.70 -31.69 -9.22
N ALA B 427 36.89 -32.19 -8.30
CA ALA B 427 35.48 -31.83 -8.22
C ALA B 427 35.27 -30.32 -8.12
N ASN B 428 34.47 -29.78 -9.02
CA ASN B 428 34.20 -28.34 -9.08
C ASN B 428 35.47 -27.50 -9.16
N ALA B 429 36.41 -27.97 -9.99
CA ALA B 429 37.67 -27.27 -10.25
C ALA B 429 38.51 -27.03 -9.00
N GLY B 430 38.17 -27.73 -7.91
CA GLY B 430 38.88 -27.55 -6.66
C GLY B 430 38.51 -26.29 -5.92
N PHE B 431 37.46 -25.60 -6.37
CA PHE B 431 37.00 -24.40 -5.69
C PHE B 431 36.37 -24.71 -4.33
N THR B 432 35.60 -25.80 -4.27
CA THR B 432 34.90 -26.16 -3.05
C THR B 432 34.67 -27.67 -2.96
N THR B 433 34.50 -28.17 -1.74
CA THR B 433 34.21 -29.58 -1.52
C THR B 433 32.71 -29.81 -1.44
N GLY B 434 31.95 -28.72 -1.51
CA GLY B 434 30.50 -28.79 -1.47
C GLY B 434 29.89 -28.44 -2.81
N LYS B 435 28.84 -27.64 -2.79
CA LYS B 435 28.17 -27.20 -4.02
C LYS B 435 28.29 -25.69 -4.16
N PRO B 436 29.00 -25.24 -5.22
CA PRO B 436 29.28 -23.82 -5.45
C PRO B 436 28.01 -23.02 -5.68
N TRP B 437 28.00 -21.77 -5.20
CA TRP B 437 26.85 -20.89 -5.30
C TRP B 437 26.54 -20.58 -6.77
N LEU B 438 27.57 -20.66 -7.60
CA LEU B 438 27.43 -20.49 -9.03
C LEU B 438 28.19 -21.64 -9.71
N LYS B 439 27.63 -22.17 -10.80
CA LYS B 439 28.22 -23.32 -11.49
C LYS B 439 29.62 -23.04 -12.04
N VAL B 440 30.49 -24.03 -11.92
CA VAL B 440 31.84 -23.97 -12.48
C VAL B 440 31.75 -24.16 -14.00
N ASN B 441 32.58 -23.43 -14.74
CA ASN B 441 32.67 -23.61 -16.19
C ASN B 441 33.22 -25.00 -16.51
N PRO B 442 32.50 -25.77 -17.33
CA PRO B 442 32.90 -27.11 -17.76
C PRO B 442 34.32 -27.18 -18.32
N ASN B 443 34.81 -26.08 -18.87
CA ASN B 443 36.14 -26.07 -19.47
C ASN B 443 37.27 -26.13 -18.45
N TYR B 444 36.92 -26.38 -17.18
CA TYR B 444 37.92 -26.43 -16.12
C TYR B 444 38.85 -27.63 -16.32
N THR B 445 38.36 -28.62 -17.04
CA THR B 445 39.18 -29.78 -17.41
C THR B 445 40.39 -29.33 -18.21
N GLU B 446 40.20 -28.36 -19.09
CA GLU B 446 41.29 -27.80 -19.87
C GLU B 446 41.95 -26.64 -19.14
N ILE B 447 41.13 -25.77 -18.57
CA ILE B 447 41.60 -24.52 -17.99
C ILE B 447 41.61 -24.56 -16.47
N ASN B 448 42.78 -24.75 -15.88
CA ASN B 448 42.91 -24.73 -14.43
C ASN B 448 44.34 -24.43 -13.99
N ALA B 449 44.47 -23.87 -12.79
CA ALA B 449 45.76 -23.37 -12.29
C ALA B 449 46.88 -24.41 -12.22
N ALA B 450 46.58 -25.58 -11.66
CA ALA B 450 47.58 -26.63 -11.50
C ALA B 450 48.23 -27.03 -12.83
N ARG B 451 47.43 -27.12 -13.88
CA ARG B 451 47.93 -27.46 -15.21
C ARG B 451 48.75 -26.31 -15.79
N GLU B 452 48.29 -25.08 -15.58
CA GLU B 452 48.95 -23.91 -16.13
C GLU B 452 50.32 -23.66 -15.50
N ILE B 453 50.41 -23.84 -14.19
CA ILE B 453 51.62 -23.55 -13.43
C ILE B 453 52.78 -24.45 -13.82
N GLY B 454 52.46 -25.69 -14.20
CA GLY B 454 53.47 -26.65 -14.59
C GLY B 454 53.91 -26.54 -16.04
N ASP B 455 53.18 -25.74 -16.81
CA ASP B 455 53.48 -25.59 -18.24
C ASP B 455 54.10 -24.22 -18.56
N PRO B 456 55.38 -24.24 -18.97
CA PRO B 456 56.15 -23.05 -19.37
C PRO B 456 55.57 -22.33 -20.59
N LYS B 457 54.69 -22.99 -21.34
CA LYS B 457 54.07 -22.36 -22.50
C LYS B 457 52.65 -21.88 -22.21
N SER B 458 52.19 -22.04 -20.96
CA SER B 458 50.81 -21.72 -20.60
C SER B 458 50.54 -20.21 -20.53
N VAL B 459 49.27 -19.85 -20.39
CA VAL B 459 48.89 -18.45 -20.25
C VAL B 459 49.44 -17.89 -18.95
N TYR B 460 49.35 -18.68 -17.89
CA TYR B 460 49.88 -18.31 -16.58
C TYR B 460 51.37 -17.93 -16.65
N SER B 461 52.14 -18.73 -17.36
CA SER B 461 53.57 -18.50 -17.45
C SER B 461 53.88 -17.25 -18.26
N PHE B 462 53.03 -16.96 -19.24
CA PHE B 462 53.21 -15.76 -20.06
C PHE B 462 52.93 -14.50 -19.24
N TYR B 463 51.83 -14.52 -18.48
CA TYR B 463 51.50 -13.41 -17.58
C TYR B 463 52.62 -13.17 -16.59
N ARG B 464 53.09 -14.27 -16.00
CA ARG B 464 54.12 -14.20 -14.97
C ARG B 464 55.42 -13.58 -15.50
N ASN B 465 55.80 -13.97 -16.72
CA ASN B 465 57.00 -13.44 -17.34
C ASN B 465 56.85 -11.96 -17.73
N LEU B 466 55.65 -11.59 -18.16
CA LEU B 466 55.36 -10.20 -18.50
C LEU B 466 55.45 -9.32 -17.26
N ILE B 467 54.87 -9.81 -16.16
CA ILE B 467 54.90 -9.10 -14.89
C ILE B 467 56.34 -8.89 -14.44
N SER B 468 57.18 -9.89 -14.70
CA SER B 468 58.61 -9.82 -14.38
C SER B 468 59.31 -8.75 -15.24
N ILE B 469 58.99 -8.72 -16.52
CA ILE B 469 59.58 -7.76 -17.44
C ILE B 469 59.16 -6.32 -17.11
N ARG B 470 57.88 -6.14 -16.82
CA ARG B 470 57.36 -4.80 -16.49
C ARG B 470 58.09 -4.21 -15.29
N HIS B 471 58.24 -5.03 -14.25
CA HIS B 471 58.95 -4.63 -13.03
C HIS B 471 60.41 -4.21 -13.29
N GLU B 472 61.07 -4.90 -14.21
CA GLU B 472 62.47 -4.63 -14.54
C GLU B 472 62.62 -3.41 -15.45
N THR B 473 61.53 -3.00 -16.09
CA THR B 473 61.58 -1.95 -17.09
C THR B 473 60.68 -0.76 -16.72
N PRO B 474 61.30 0.33 -16.24
CA PRO B 474 60.62 1.56 -15.78
C PRO B 474 59.71 2.18 -16.82
N ALA B 475 60.17 2.27 -18.07
CA ALA B 475 59.39 2.89 -19.13
C ALA B 475 58.04 2.19 -19.37
N LEU B 476 57.99 0.89 -19.08
CA LEU B 476 56.78 0.12 -19.30
C LEU B 476 55.67 0.51 -18.33
N SER B 477 56.05 1.18 -17.24
CA SER B 477 55.06 1.57 -16.25
C SER B 477 54.83 3.08 -16.24
N THR B 478 55.90 3.83 -15.97
CA THR B 478 55.80 5.28 -15.83
C THR B 478 56.13 6.07 -17.09
N GLY B 479 56.57 5.37 -18.14
CA GLY B 479 56.93 6.04 -19.38
C GLY B 479 55.72 6.61 -20.09
N SER B 480 55.96 7.47 -21.08
CA SER B 480 54.89 8.06 -21.87
C SER B 480 54.30 7.03 -22.85
N TYR B 481 53.13 7.35 -23.40
CA TYR B 481 52.45 6.46 -24.34
C TYR B 481 52.23 7.18 -25.66
N ARG B 482 52.38 6.45 -26.76
CA ARG B 482 52.17 7.02 -28.08
C ARG B 482 51.76 5.94 -29.09
N ASP B 483 50.56 6.09 -29.66
CA ASP B 483 50.07 5.17 -30.67
C ASP B 483 50.72 5.48 -32.02
N ILE B 484 51.20 4.43 -32.69
CA ILE B 484 51.83 4.58 -34.00
C ILE B 484 50.83 4.97 -35.08
N ASP B 485 49.71 4.24 -35.14
CA ASP B 485 48.71 4.48 -36.17
C ASP B 485 47.29 4.22 -35.65
N PRO B 486 46.63 5.25 -35.15
CA PRO B 486 45.29 5.16 -34.55
C PRO B 486 44.21 4.65 -35.50
N SER B 487 44.46 4.73 -36.81
CA SER B 487 43.46 4.31 -37.79
C SER B 487 43.58 2.82 -38.14
N ASN B 488 44.68 2.20 -37.71
CA ASN B 488 44.94 0.79 -38.00
C ASN B 488 43.99 -0.13 -37.24
N ALA B 489 43.24 -0.95 -37.97
CA ALA B 489 42.28 -1.86 -37.38
C ALA B 489 42.77 -3.31 -37.39
N ASP B 490 43.97 -3.52 -37.94
CA ASP B 490 44.55 -4.85 -37.99
C ASP B 490 45.52 -5.08 -36.84
N VAL B 491 46.58 -4.28 -36.81
CA VAL B 491 47.64 -4.47 -35.84
C VAL B 491 47.74 -3.29 -34.89
N TYR B 492 47.81 -3.58 -33.59
CA TYR B 492 47.91 -2.53 -32.57
C TYR B 492 49.35 -2.34 -32.13
N ALA B 493 49.89 -1.14 -32.35
CA ALA B 493 51.28 -0.86 -32.02
C ALA B 493 51.44 0.49 -31.35
N TYR B 494 52.29 0.54 -30.34
CA TYR B 494 52.55 1.76 -29.59
C TYR B 494 53.92 1.72 -28.91
N THR B 495 54.43 2.88 -28.54
CA THR B 495 55.74 2.96 -27.89
C THR B 495 55.64 3.47 -26.46
N ARG B 496 56.55 2.99 -25.61
CA ARG B 496 56.69 3.50 -24.25
C ARG B 496 58.10 4.07 -24.11
N SER B 497 58.21 5.31 -23.64
CA SER B 497 59.51 5.99 -23.56
C SER B 497 59.78 6.64 -22.21
N GLN B 498 60.99 6.46 -21.70
CA GLN B 498 61.41 7.14 -20.48
C GLN B 498 62.93 7.20 -20.35
N ASP B 499 63.44 8.41 -20.10
CA ASP B 499 64.86 8.61 -19.82
C ASP B 499 65.78 8.13 -20.95
N GLY B 500 65.37 8.35 -22.19
CA GLY B 500 66.20 8.01 -23.32
C GLY B 500 65.89 6.66 -23.95
N GLU B 501 65.29 5.76 -23.18
CA GLU B 501 64.99 4.41 -23.66
C GLU B 501 63.56 4.31 -24.19
N THR B 502 63.43 3.79 -25.41
CA THR B 502 62.12 3.64 -26.04
C THR B 502 61.84 2.17 -26.32
N TYR B 503 60.64 1.72 -25.99
CA TYR B 503 60.22 0.35 -26.23
C TYR B 503 59.04 0.32 -27.19
N LEU B 504 58.91 -0.77 -27.93
CA LEU B 504 57.85 -0.92 -28.91
C LEU B 504 56.98 -2.12 -28.58
N VAL B 505 55.68 -1.93 -28.62
CA VAL B 505 54.76 -3.04 -28.41
C VAL B 505 53.95 -3.27 -29.67
N VAL B 506 53.93 -4.50 -30.15
CA VAL B 506 53.17 -4.84 -31.34
C VAL B 506 52.28 -6.06 -31.11
N VAL B 507 50.98 -5.90 -31.36
CA VAL B 507 50.01 -6.97 -31.15
C VAL B 507 49.04 -7.11 -32.33
N ASN B 508 49.09 -8.27 -33.00
CA ASN B 508 48.17 -8.56 -34.10
C ASN B 508 46.82 -9.03 -33.56
N PHE B 509 45.76 -8.31 -33.89
CA PHE B 509 44.42 -8.67 -33.42
C PHE B 509 43.66 -9.54 -34.40
N LYS B 510 44.28 -9.83 -35.54
CA LYS B 510 43.65 -10.69 -36.54
C LYS B 510 44.10 -12.14 -36.38
N ALA B 511 43.21 -13.07 -36.71
CA ALA B 511 43.51 -14.49 -36.60
C ALA B 511 44.16 -15.02 -37.88
N GLU B 512 44.98 -14.17 -38.50
CA GLU B 512 45.69 -14.51 -39.73
C GLU B 512 46.92 -13.63 -39.87
N PRO B 513 47.92 -14.04 -40.67
CA PRO B 513 49.18 -13.28 -40.74
C PRO B 513 49.01 -11.82 -41.16
N ARG B 514 49.87 -10.96 -40.62
CA ARG B 514 49.89 -9.54 -40.98
C ARG B 514 51.33 -9.05 -40.96
N SER B 515 51.59 -7.96 -41.66
CA SER B 515 52.91 -7.34 -41.65
C SER B 515 52.83 -5.99 -40.94
N PHE B 516 53.94 -5.56 -40.34
CA PHE B 516 54.00 -4.27 -39.67
C PHE B 516 55.29 -3.52 -39.99
N THR B 517 55.13 -2.29 -40.46
CA THR B 517 56.29 -1.46 -40.80
C THR B 517 56.56 -0.43 -39.71
N LEU B 518 57.78 -0.45 -39.18
CA LEU B 518 58.18 0.46 -38.12
C LEU B 518 58.20 1.91 -38.59
N PRO B 519 58.01 2.86 -37.66
CA PRO B 519 58.10 4.29 -37.95
C PRO B 519 59.40 4.64 -38.68
N ASP B 520 59.32 5.51 -39.68
CA ASP B 520 60.47 5.90 -40.48
C ASP B 520 61.64 6.37 -39.62
N GLY B 521 62.66 5.53 -39.51
CA GLY B 521 63.83 5.86 -38.71
C GLY B 521 63.97 4.97 -37.48
N MET B 522 62.99 4.12 -37.25
CA MET B 522 63.00 3.24 -36.08
C MET B 522 63.49 1.82 -36.45
N HIS B 523 64.31 1.25 -35.58
CA HIS B 523 64.89 -0.07 -35.81
C HIS B 523 64.89 -0.90 -34.53
N ILE B 524 64.61 -2.19 -34.66
CA ILE B 524 64.61 -3.09 -33.52
C ILE B 524 66.04 -3.29 -33.01
N ALA B 525 66.22 -3.22 -31.68
CA ALA B 525 67.54 -3.41 -31.09
C ALA B 525 67.58 -4.67 -30.24
N GLU B 526 66.42 -5.08 -29.73
CA GLU B 526 66.34 -6.17 -28.77
C GLU B 526 64.91 -6.71 -28.65
N THR B 527 64.79 -8.02 -28.51
CA THR B 527 63.49 -8.64 -28.30
C THR B 527 63.34 -9.10 -26.85
N LEU B 528 62.45 -8.46 -26.11
CA LEU B 528 62.21 -8.80 -24.71
C LEU B 528 61.36 -10.05 -24.56
N ILE B 529 60.26 -10.11 -25.31
CA ILE B 529 59.34 -11.24 -25.24
C ILE B 529 58.37 -11.25 -26.42
N GLU B 530 57.92 -12.43 -26.81
CA GLU B 530 56.91 -12.59 -27.84
C GLU B 530 55.97 -13.74 -27.49
N SER B 531 54.75 -13.68 -28.01
CA SER B 531 53.84 -14.81 -27.94
C SER B 531 53.43 -15.22 -29.36
N SER B 532 53.23 -16.53 -29.56
CA SER B 532 52.84 -17.07 -30.86
C SER B 532 53.77 -16.65 -32.00
N SER B 533 55.06 -16.52 -31.73
CA SER B 533 56.02 -16.17 -32.76
C SER B 533 57.01 -17.31 -33.04
N PRO B 534 57.28 -17.57 -34.32
CA PRO B 534 58.24 -18.60 -34.70
C PRO B 534 59.66 -18.11 -34.41
N ALA B 535 59.95 -16.87 -34.78
CA ALA B 535 61.29 -16.33 -34.62
C ALA B 535 61.29 -14.82 -34.37
N ALA B 536 62.10 -14.38 -33.42
CA ALA B 536 62.29 -12.96 -33.16
C ALA B 536 63.01 -12.33 -34.34
N PRO B 537 62.71 -11.04 -34.60
CA PRO B 537 63.36 -10.36 -35.74
C PRO B 537 64.85 -10.15 -35.50
N ALA B 538 65.57 -9.86 -36.58
CA ALA B 538 66.99 -9.58 -36.47
C ALA B 538 67.21 -8.16 -35.92
N ALA B 539 68.41 -7.90 -35.42
CA ALA B 539 68.73 -6.57 -34.93
C ALA B 539 68.83 -5.58 -36.07
N GLY B 540 68.18 -4.43 -35.93
CA GLY B 540 68.17 -3.43 -36.97
C GLY B 540 66.97 -3.55 -37.89
N ALA B 541 66.09 -4.49 -37.57
CA ALA B 541 64.89 -4.74 -38.35
C ALA B 541 64.01 -3.49 -38.46
N ALA B 542 63.49 -3.23 -39.66
CA ALA B 542 62.58 -2.10 -39.87
C ALA B 542 61.14 -2.56 -40.05
N SER B 543 60.92 -3.86 -39.90
CA SER B 543 59.59 -4.43 -40.08
C SER B 543 59.43 -5.75 -39.34
N LEU B 544 58.20 -6.19 -39.16
CA LEU B 544 57.90 -7.43 -38.44
C LEU B 544 56.95 -8.30 -39.25
N GLU B 545 57.24 -9.60 -39.31
CA GLU B 545 56.31 -10.54 -39.89
C GLU B 545 55.51 -11.16 -38.75
N LEU B 546 54.19 -10.98 -38.76
CA LEU B 546 53.37 -11.37 -37.63
C LEU B 546 52.46 -12.55 -37.93
N GLN B 547 52.45 -13.53 -37.02
CA GLN B 547 51.55 -14.67 -37.08
C GLN B 547 50.19 -14.26 -36.48
N PRO B 548 49.15 -15.08 -36.67
CA PRO B 548 47.86 -14.79 -36.03
C PRO B 548 47.99 -14.54 -34.52
N TRP B 549 47.39 -13.43 -34.06
CA TRP B 549 47.36 -13.09 -32.64
C TRP B 549 48.74 -13.01 -31.98
N GLN B 550 49.77 -12.68 -32.75
CA GLN B 550 51.12 -12.56 -32.22
C GLN B 550 51.29 -11.25 -31.45
N SER B 551 51.95 -11.33 -30.30
CA SER B 551 52.27 -10.13 -29.54
C SER B 551 53.74 -10.12 -29.19
N GLY B 552 54.28 -8.94 -28.90
CA GLY B 552 55.68 -8.81 -28.55
C GLY B 552 56.07 -7.48 -27.95
N ILE B 553 57.16 -7.50 -27.19
CA ILE B 553 57.74 -6.28 -26.64
C ILE B 553 59.19 -6.19 -27.09
N TYR B 554 59.53 -5.07 -27.73
CA TYR B 554 60.85 -4.91 -28.32
C TYR B 554 61.49 -3.59 -27.87
N LYS B 555 62.76 -3.65 -27.48
CA LYS B 555 63.51 -2.45 -27.19
C LYS B 555 64.09 -1.91 -28.50
N VAL B 556 63.69 -0.71 -28.90
CA VAL B 556 64.13 -0.17 -30.18
C VAL B 556 65.36 0.73 -30.04
N LYS B 557 66.07 0.93 -31.15
CA LYS B 557 67.22 1.82 -31.17
C LYS B 557 66.92 3.08 -31.99
CA CA C . -35.15 18.19 -5.47
O2' ISL D . -29.85 -1.89 6.35
C2' ISL D . -30.41 -2.45 7.26
C1' ISL D . -31.89 -2.57 7.22
O1' ISL D . -32.46 -3.51 6.34
C3' ISL D . -29.62 -3.04 8.39
O3' ISL D . -28.72 -4.00 7.93
C4' ISL D . -28.83 -2.04 9.23
O4' ISL D . -27.76 -2.74 9.76
C5' ISL D . -29.59 -1.39 10.36
O5' ISL D . -30.94 -1.29 10.05
C6' ISL D . -28.95 -0.01 10.71
O1 ISL D . -29.67 1.15 10.37
C1 ISL D . -29.03 2.35 10.02
O5 ISL D . -27.59 2.17 9.68
C5 ISL D . -27.20 2.11 8.31
C4 ISL D . -28.24 2.50 7.25
O4 ISL D . -28.15 1.69 6.17
C3 ISL D . -29.61 2.37 7.70
O3 ISL D . -30.49 2.97 6.75
C2 ISL D . -29.79 3.07 8.96
O2 ISL D . -31.14 3.01 9.21
C6 ISL D . -25.98 2.96 8.06
O6 ISL D . -24.91 2.39 7.38
CA CA E . 33.10 -20.93 2.59
C1 GLC F . 29.67 -0.92 -8.54
C2 GLC F . 29.98 -2.38 -8.32
C3 GLC F . 28.82 -3.17 -8.68
C4 GLC F . 27.68 -2.86 -7.83
C5 GLC F . 27.37 -1.38 -7.68
C6 GLC F . 26.74 -1.17 -6.41
O1 GLC F . 29.38 -0.73 -9.83
O2 GLC F . 31.06 -2.71 -9.12
O3 GLC F . 29.13 -4.57 -8.58
O4 GLC F . 26.54 -3.48 -8.37
O5 GLC F . 28.52 -0.49 -7.74
O6 GLC F . 25.32 -1.40 -6.27
#